data_9KEA
#
_entry.id   9KEA
#
_cell.length_a   107.621
_cell.length_b   162.475
_cell.length_c   59.032
_cell.angle_alpha   90.0
_cell.angle_beta   90.0
_cell.angle_gamma   90.0
#
_symmetry.space_group_name_H-M   'P 21 21 2'
#
loop_
_entity.id
_entity.type
_entity.pdbx_description
1 polymer 'FMN-binding negative transcriptional regulator'
2 non-polymer 'PROTOPORPHYRIN IX CONTAINING FE'
3 non-polymer 'COPPER (II) ION'
4 water water
#
_entity_poly.entity_id   1
_entity_poly.type   'polypeptide(L)'
_entity_poly.pdbx_seq_one_letter_code
;SMYVPEQYRPRDASWTLELIRSNPLALLVTNGPQHPWATHVPVLFAEEPDGPEGPDGLDATGDDLVGRRLLGHLNLMNPH
WEALAGAGHALLVFQGPGSYVSPTVYETAPAAPTWDFTSVHVHGALRLIDDPDDLRKIVQATVRAYEREVGTDWDMSESL
EYFERLLPGVRGFEIKIESVDSMFKLSQEQLPETVTKVIDSFRRSDGGRRQELATMIERAASD
;
_entity_poly.pdbx_strand_id   A,B,C,D
#
# COMPACT_ATOMS: atom_id res chain seq x y z
N SER A 1 7.94 -20.14 15.02
CA SER A 1 9.37 -20.35 14.69
C SER A 1 9.66 -21.37 13.56
N MET A 2 10.89 -21.41 13.04
CA MET A 2 11.24 -22.36 11.97
C MET A 2 11.61 -23.73 12.54
N TYR A 3 10.93 -24.76 12.07
CA TYR A 3 11.15 -26.12 12.54
C TYR A 3 12.45 -26.72 11.99
N VAL A 4 13.43 -26.93 12.85
CA VAL A 4 14.71 -27.46 12.38
C VAL A 4 14.97 -28.84 12.98
N PRO A 5 14.96 -29.86 12.13
CA PRO A 5 15.33 -31.21 12.61
C PRO A 5 16.73 -31.13 13.24
N GLU A 6 16.91 -31.88 14.32
CA GLU A 6 18.13 -31.81 15.13
C GLU A 6 19.42 -31.98 14.31
N GLN A 7 19.35 -32.83 13.30
CA GLN A 7 20.50 -33.09 12.46
C GLN A 7 20.88 -31.93 11.54
N TYR A 8 19.98 -30.95 11.38
CA TYR A 8 20.27 -29.83 10.48
C TYR A 8 20.61 -28.56 11.24
N ARG A 9 20.85 -28.74 12.53
CA ARG A 9 21.25 -27.66 13.41
C ARG A 9 22.75 -27.37 13.26
N PRO A 10 23.14 -26.08 13.38
CA PRO A 10 24.53 -25.68 13.23
C PRO A 10 25.44 -26.23 14.32
N ARG A 11 26.61 -26.72 13.94
CA ARG A 11 27.58 -27.25 14.91
C ARG A 11 28.28 -26.14 15.68
N ASP A 12 28.38 -24.98 15.05
CA ASP A 12 28.98 -23.80 15.68
C ASP A 12 28.13 -22.58 15.37
N ALA A 13 28.05 -21.64 16.31
CA ALA A 13 27.20 -20.43 16.14
C ALA A 13 27.78 -19.51 15.06
N SER A 14 29.08 -19.66 14.83
CA SER A 14 29.78 -18.93 13.79
C SER A 14 29.18 -19.18 12.42
N TRP A 15 28.59 -20.35 12.19
CA TRP A 15 27.95 -20.61 10.91
C TRP A 15 26.80 -19.63 10.70
N THR A 16 26.02 -19.44 11.76
CA THR A 16 24.88 -18.56 11.77
C THR A 16 25.30 -17.09 11.59
N LEU A 17 26.26 -16.65 12.40
CA LEU A 17 26.70 -15.25 12.34
C LEU A 17 27.25 -14.95 10.93
N GLU A 18 28.00 -15.92 10.42
CA GLU A 18 28.60 -15.87 9.09
C GLU A 18 27.54 -15.74 8.04
N LEU A 19 26.50 -16.56 8.18
CA LEU A 19 25.45 -16.56 7.17
C LEU A 19 24.79 -15.19 7.15
N ILE A 20 24.55 -14.63 8.32
CA ILE A 20 23.91 -13.32 8.39
C ILE A 20 24.75 -12.24 7.69
N ARG A 21 26.04 -12.20 8.01
CA ARG A 21 26.94 -11.20 7.45
C ARG A 21 27.18 -11.35 5.94
N SER A 22 27.26 -12.59 5.48
CA SER A 22 27.46 -12.88 4.07
C SER A 22 26.23 -12.58 3.23
N ASN A 23 25.06 -12.71 3.84
CA ASN A 23 23.79 -12.50 3.13
C ASN A 23 22.84 -11.57 3.84
N PRO A 24 23.23 -10.29 3.93
CA PRO A 24 22.57 -9.26 4.73
C PRO A 24 21.29 -8.68 4.12
N LEU A 25 20.97 -9.05 2.89
CA LEU A 25 19.72 -8.63 2.30
C LEU A 25 18.69 -9.63 2.76
N ALA A 26 18.03 -9.31 3.86
CA ALA A 26 17.10 -10.24 4.50
C ALA A 26 15.67 -9.92 4.16
N LEU A 27 14.79 -10.86 4.47
CA LEU A 27 13.38 -10.67 4.30
C LEU A 27 12.74 -10.31 5.63
N LEU A 28 12.24 -9.09 5.71
CA LEU A 28 11.52 -8.58 6.86
C LEU A 28 10.05 -8.93 6.71
N VAL A 29 9.52 -9.66 7.68
CA VAL A 29 8.18 -10.24 7.62
C VAL A 29 7.39 -9.91 8.89
N THR A 30 6.24 -9.26 8.71
CA THR A 30 5.38 -8.90 9.85
C THR A 30 3.95 -9.30 9.54
N ASN A 31 3.13 -9.49 10.56
CA ASN A 31 1.73 -9.82 10.34
C ASN A 31 1.00 -8.67 9.60
N GLY A 32 0.06 -9.03 8.75
CA GLY A 32 -0.73 -8.08 8.00
C GLY A 32 -2.12 -8.63 7.80
N PRO A 33 -3.02 -7.82 7.23
CA PRO A 33 -4.41 -8.29 7.03
C PRO A 33 -4.44 -9.42 6.03
N GLN A 34 -5.04 -10.56 6.42
CA GLN A 34 -5.21 -11.77 5.60
C GLN A 34 -3.93 -12.60 5.39
N HIS A 35 -2.78 -11.95 5.24
CA HIS A 35 -1.49 -12.61 5.09
C HIS A 35 -0.38 -11.62 5.46
N PRO A 36 0.86 -12.08 5.61
CA PRO A 36 1.86 -11.11 6.07
C PRO A 36 2.40 -10.09 5.05
N TRP A 37 3.08 -9.09 5.61
CA TRP A 37 3.93 -8.16 4.92
C TRP A 37 5.32 -8.79 4.76
N ALA A 38 5.92 -8.60 3.59
CA ALA A 38 7.27 -9.10 3.34
C ALA A 38 8.05 -8.13 2.45
N THR A 39 9.17 -7.63 2.93
CA THR A 39 10.01 -6.72 2.15
C THR A 39 11.47 -7.14 2.28
N HIS A 40 12.20 -7.09 1.17
CA HIS A 40 13.63 -7.33 1.15
C HIS A 40 14.40 -6.07 1.58
N VAL A 41 15.15 -6.17 2.68
CA VAL A 41 15.82 -5.02 3.27
C VAL A 41 17.29 -5.31 3.61
N PRO A 42 18.12 -4.27 3.52
CA PRO A 42 19.53 -4.38 3.86
C PRO A 42 19.73 -4.16 5.36
N VAL A 43 20.16 -5.19 6.06
CA VAL A 43 20.35 -5.09 7.50
C VAL A 43 21.80 -5.29 7.88
N LEU A 44 22.15 -4.86 9.10
CA LEU A 44 23.47 -5.08 9.64
C LEU A 44 23.43 -5.03 11.17
N PHE A 45 24.36 -5.71 11.81
CA PHE A 45 24.42 -5.72 13.26
C PHE A 45 24.80 -4.34 13.78
N ALA A 46 24.19 -3.96 14.90
CA ALA A 46 24.55 -2.72 15.56
C ALA A 46 25.85 -2.98 16.33
N GLU A 47 26.68 -1.96 16.46
CA GLU A 47 27.97 -2.11 17.13
C GLU A 47 27.78 -2.57 18.58
N ASP A 64 22.96 -16.45 22.23
CA ASP A 64 24.25 -15.86 21.86
C ASP A 64 24.10 -14.61 20.99
N LEU A 65 23.16 -14.65 20.06
CA LEU A 65 22.80 -13.45 19.31
C LEU A 65 21.67 -12.76 20.07
N VAL A 66 21.00 -13.53 20.93
CA VAL A 66 19.87 -13.03 21.71
C VAL A 66 20.31 -11.80 22.50
N GLY A 67 19.51 -10.75 22.41
CA GLY A 67 19.85 -9.49 23.05
C GLY A 67 20.59 -8.50 22.17
N ARG A 68 21.19 -8.97 21.07
CA ARG A 68 21.84 -8.09 20.11
C ARG A 68 20.79 -7.41 19.22
N ARG A 69 21.21 -6.39 18.48
CA ARG A 69 20.29 -5.62 17.65
C ARG A 69 20.69 -5.59 16.18
N LEU A 70 19.69 -5.78 15.33
CA LEU A 70 19.87 -5.67 13.90
C LEU A 70 19.24 -4.36 13.44
N LEU A 71 19.97 -3.62 12.62
CA LEU A 71 19.53 -2.35 12.09
C LEU A 71 19.22 -2.51 10.62
N GLY A 72 18.25 -1.75 10.13
CA GLY A 72 17.92 -1.84 8.72
C GLY A 72 17.25 -0.58 8.23
N HIS A 73 17.10 -0.47 6.92
CA HIS A 73 16.36 0.63 6.36
C HIS A 73 15.52 0.20 5.17
N LEU A 74 14.56 1.05 4.82
CA LEU A 74 13.66 0.79 3.71
C LEU A 74 13.06 2.10 3.19
N ASN A 75 12.34 1.98 2.09
CA ASN A 75 11.74 3.12 1.41
C ASN A 75 10.59 3.72 2.22
N LEU A 76 10.66 5.01 2.48
CA LEU A 76 9.58 5.72 3.16
C LEU A 76 8.25 5.51 2.44
N MET A 77 8.30 5.42 1.13
CA MET A 77 7.10 5.28 0.33
C MET A 77 6.60 3.84 0.30
N ASN A 78 7.38 2.93 0.86
CA ASN A 78 6.95 1.54 0.99
C ASN A 78 5.86 1.47 2.03
N PRO A 79 4.67 0.97 1.64
CA PRO A 79 3.51 0.87 2.53
C PRO A 79 3.78 0.02 3.77
N HIS A 80 4.74 -0.89 3.62
CA HIS A 80 5.17 -1.74 4.72
C HIS A 80 5.67 -0.88 5.86
N TRP A 81 6.33 0.21 5.53
CA TRP A 81 6.80 1.15 6.55
C TRP A 81 5.62 1.63 7.40
N GLU A 82 4.51 1.95 6.75
CA GLU A 82 3.34 2.38 7.50
C GLU A 82 2.85 1.23 8.39
N ALA A 83 2.84 0.01 7.84
CA ALA A 83 2.44 -1.15 8.62
C ALA A 83 3.34 -1.45 9.82
N LEU A 84 4.61 -1.06 9.75
CA LEU A 84 5.54 -1.38 10.82
C LEU A 84 5.10 -0.70 12.12
N ALA A 85 4.46 0.45 11.99
CA ALA A 85 3.87 1.11 13.13
C ALA A 85 2.76 0.15 13.57
N GLY A 86 2.67 -0.12 14.84
CA GLY A 86 1.66 -1.10 15.22
C GLY A 86 2.09 -2.57 15.17
N ALA A 87 3.31 -2.86 14.77
CA ALA A 87 3.80 -4.24 14.86
C ALA A 87 4.83 -4.26 16.00
N GLY A 88 4.55 -5.01 17.04
CA GLY A 88 5.47 -5.11 18.16
C GLY A 88 6.69 -5.97 17.87
N HIS A 89 6.49 -6.99 17.02
CA HIS A 89 7.54 -7.97 16.74
C HIS A 89 7.66 -8.35 15.27
N ALA A 90 8.83 -8.87 14.89
CA ALA A 90 9.06 -9.19 13.50
C ALA A 90 9.95 -10.41 13.30
N LEU A 91 9.92 -10.93 12.06
CA LEU A 91 10.80 -12.02 11.65
C LEU A 91 11.71 -11.52 10.54
N LEU A 92 13.00 -11.86 10.60
CA LEU A 92 13.95 -11.58 9.52
C LEU A 92 14.50 -12.91 8.99
N VAL A 93 14.33 -13.18 7.70
CA VAL A 93 14.82 -14.41 7.12
C VAL A 93 16.01 -14.16 6.21
N PHE A 94 17.13 -14.78 6.55
CA PHE A 94 18.37 -14.72 5.80
C PHE A 94 18.51 -16.03 5.07
N GLN A 95 18.93 -15.98 3.81
CA GLN A 95 19.14 -17.21 3.06
C GLN A 95 20.54 -17.26 2.53
N GLY A 96 21.22 -18.38 2.72
CA GLY A 96 22.54 -18.58 2.16
C GLY A 96 22.43 -19.55 1.01
N PRO A 97 23.54 -20.20 0.65
CA PRO A 97 23.50 -21.15 -0.47
C PRO A 97 22.51 -22.30 -0.28
N GLY A 98 22.00 -22.78 -1.40
CA GLY A 98 21.10 -23.92 -1.42
C GLY A 98 21.05 -24.49 -2.83
N SER A 99 20.65 -25.74 -2.93
CA SER A 99 20.58 -26.40 -4.20
C SER A 99 19.73 -27.65 -4.12
N TYR A 100 19.13 -28.00 -5.24
CA TYR A 100 18.45 -29.27 -5.37
C TYR A 100 19.48 -30.38 -5.32
N VAL A 101 19.13 -31.47 -4.67
CA VAL A 101 19.99 -32.65 -4.62
C VAL A 101 19.26 -33.80 -5.26
N SER A 102 19.70 -34.14 -6.47
CA SER A 102 19.16 -35.26 -7.24
C SER A 102 19.75 -36.60 -6.78
N PRO A 103 18.92 -37.64 -6.67
CA PRO A 103 19.38 -38.94 -6.15
C PRO A 103 20.47 -39.57 -7.01
N THR A 104 20.60 -39.15 -8.26
CA THR A 104 21.62 -39.69 -9.14
C THR A 104 22.99 -39.57 -8.49
N VAL A 105 23.20 -38.43 -7.82
CA VAL A 105 24.45 -38.14 -7.14
C VAL A 105 24.77 -39.19 -6.07
N TYR A 106 23.74 -39.69 -5.38
CA TYR A 106 23.91 -40.67 -4.31
C TYR A 106 24.43 -42.02 -4.79
N GLU A 107 23.99 -42.40 -5.99
CA GLU A 107 24.34 -43.69 -6.59
C GLU A 107 23.79 -44.82 -5.75
N THR A 108 22.66 -44.57 -5.13
CA THR A 108 21.99 -45.56 -4.30
C THR A 108 20.53 -45.62 -4.69
N ALA A 109 19.89 -46.71 -4.33
CA ALA A 109 18.47 -46.90 -4.52
C ALA A 109 18.01 -47.86 -3.44
N PRO A 110 16.85 -47.60 -2.81
CA PRO A 110 15.98 -46.46 -3.08
C PRO A 110 16.42 -45.13 -2.47
N ALA A 111 15.83 -44.06 -2.95
CA ALA A 111 16.12 -42.72 -2.44
C ALA A 111 14.95 -41.80 -2.74
N ALA A 112 15.05 -40.58 -2.23
CA ALA A 112 14.15 -39.51 -2.57
C ALA A 112 15.01 -38.30 -2.79
N PRO A 113 14.62 -37.42 -3.72
CA PRO A 113 15.43 -36.22 -3.93
C PRO A 113 15.28 -35.31 -2.72
N THR A 114 16.10 -34.27 -2.61
CA THR A 114 15.86 -33.30 -1.55
C THR A 114 16.43 -31.95 -1.91
N TRP A 115 16.41 -31.03 -0.97
CA TRP A 115 17.00 -29.72 -1.20
C TRP A 115 17.91 -29.44 -0.04
N ASP A 116 19.16 -29.12 -0.33
CA ASP A 116 20.10 -28.72 0.72
C ASP A 116 20.10 -27.22 0.75
N PHE A 117 19.97 -26.60 1.91
CA PHE A 117 19.97 -25.15 1.94
C PHE A 117 20.33 -24.62 3.31
N THR A 118 20.60 -23.32 3.36
CA THR A 118 21.01 -22.67 4.58
C THR A 118 20.14 -21.43 4.80
N SER A 119 19.64 -21.30 6.02
CA SER A 119 18.67 -20.25 6.33
C SER A 119 18.71 -19.87 7.79
N VAL A 120 18.52 -18.59 8.10
CA VAL A 120 18.43 -18.16 9.48
C VAL A 120 17.24 -17.23 9.70
N HIS A 121 16.36 -17.62 10.62
CA HIS A 121 15.20 -16.81 10.96
C HIS A 121 15.42 -16.15 12.31
N VAL A 122 15.52 -14.83 12.29
CA VAL A 122 15.69 -14.07 13.50
C VAL A 122 14.33 -13.51 13.94
N HIS A 123 13.95 -13.81 15.18
CA HIS A 123 12.77 -13.29 15.84
C HIS A 123 13.16 -12.12 16.72
N GLY A 124 12.45 -11.00 16.63
CA GLY A 124 12.75 -9.94 17.56
C GLY A 124 11.75 -8.83 17.79
N ALA A 125 12.02 -8.03 18.82
CA ALA A 125 11.16 -6.89 19.10
C ALA A 125 11.52 -5.78 18.11
N LEU A 126 10.49 -5.14 17.58
CA LEU A 126 10.65 -4.15 16.53
C LEU A 126 10.61 -2.72 17.09
N ARG A 127 11.51 -1.88 16.61
CA ARG A 127 11.52 -0.46 16.96
C ARG A 127 11.72 0.33 15.69
N LEU A 128 11.01 1.45 15.56
CA LEU A 128 11.09 2.25 14.35
C LEU A 128 11.99 3.46 14.54
N ILE A 129 12.75 3.77 13.49
CA ILE A 129 13.66 4.91 13.50
C ILE A 129 13.33 5.88 12.36
N ASP A 130 13.02 7.14 12.70
CA ASP A 130 12.80 8.19 11.69
C ASP A 130 13.66 9.43 11.90
N ASP A 131 14.46 9.44 12.95
CA ASP A 131 15.41 10.53 13.19
C ASP A 131 16.47 10.53 12.10
N PRO A 132 16.65 11.68 11.42
CA PRO A 132 17.64 11.78 10.34
C PRO A 132 19.08 11.47 10.76
N ASP A 133 19.48 11.83 11.98
CA ASP A 133 20.85 11.55 12.43
C ASP A 133 21.08 10.05 12.52
N ASP A 134 20.11 9.35 13.09
CA ASP A 134 20.16 7.90 13.24
C ASP A 134 20.14 7.20 11.89
N LEU A 135 19.34 7.71 10.97
CA LEU A 135 19.25 7.14 9.64
C LEU A 135 20.59 7.33 8.89
N ARG A 136 21.18 8.50 9.07
CA ARG A 136 22.47 8.81 8.46
C ARG A 136 23.49 7.79 8.93
N LYS A 137 23.55 7.58 10.25
CA LYS A 137 24.45 6.57 10.84
C LYS A 137 24.19 5.17 10.30
N ILE A 138 22.91 4.80 10.19
CA ILE A 138 22.59 3.46 9.71
C ILE A 138 23.06 3.25 8.27
N VAL A 139 22.73 4.16 7.37
CA VAL A 139 23.07 3.96 5.96
C VAL A 139 24.60 4.00 5.74
N GLN A 140 25.30 4.91 6.42
CA GLN A 140 26.76 4.94 6.31
C GLN A 140 27.40 3.66 6.85
N ALA A 141 26.89 3.19 7.98
CA ALA A 141 27.39 1.96 8.56
C ALA A 141 27.14 0.78 7.63
N THR A 142 25.99 0.78 6.96
CA THR A 142 25.66 -0.26 5.99
C THR A 142 26.66 -0.25 4.85
N VAL A 143 26.96 0.94 4.30
CA VAL A 143 27.97 1.03 3.25
C VAL A 143 29.32 0.49 3.71
N ARG A 144 29.79 0.93 4.88
CA ARG A 144 31.09 0.50 5.39
C ARG A 144 31.13 -1.02 5.50
N ALA A 145 30.09 -1.56 6.14
CA ALA A 145 30.03 -2.98 6.44
C ALA A 145 29.97 -3.83 5.18
N TYR A 146 29.13 -3.44 4.21
CA TYR A 146 29.01 -4.24 2.99
C TYR A 146 30.28 -4.14 2.14
N GLU A 147 30.86 -2.94 2.04
CA GLU A 147 32.08 -2.76 1.27
C GLU A 147 33.18 -3.65 1.86
N ARG A 148 33.24 -3.70 3.18
CA ARG A 148 34.27 -4.51 3.82
C ARG A 148 33.99 -6.00 3.58
N GLU A 149 32.76 -6.40 3.79
CA GLU A 149 32.39 -7.82 3.67
C GLU A 149 32.25 -8.24 2.20
N VAL A 150 31.25 -7.68 1.53
CA VAL A 150 30.84 -8.17 0.21
C VAL A 150 31.26 -7.26 -0.94
N GLY A 151 31.96 -6.17 -0.62
CA GLY A 151 32.26 -5.13 -1.59
C GLY A 151 33.71 -5.06 -2.08
N THR A 152 34.08 -3.87 -2.52
CA THR A 152 35.41 -3.63 -3.06
C THR A 152 36.14 -2.53 -2.28
N ASP A 153 35.72 -2.30 -1.05
CA ASP A 153 36.27 -1.22 -0.21
C ASP A 153 36.14 0.15 -0.91
N TRP A 154 34.98 0.40 -1.50
CA TRP A 154 34.70 1.68 -2.13
C TRP A 154 34.62 2.81 -1.10
N ASP A 155 35.17 3.96 -1.47
CA ASP A 155 35.29 5.09 -0.53
C ASP A 155 34.14 6.06 -0.75
N MET A 156 33.34 6.25 0.29
CA MET A 156 32.08 7.00 0.19
C MET A 156 32.19 8.49 0.51
N SER A 157 33.38 8.98 0.81
CA SER A 157 33.52 10.37 1.28
C SER A 157 32.91 11.37 0.30
N GLU A 158 33.28 11.22 -0.97
CA GLU A 158 32.85 12.15 -2.02
C GLU A 158 31.36 12.03 -2.28
N SER A 159 30.73 11.01 -1.70
CA SER A 159 29.30 10.84 -1.92
C SER A 159 28.45 11.17 -0.70
N LEU A 160 29.10 11.60 0.39
CA LEU A 160 28.32 11.87 1.60
C LEU A 160 27.26 12.95 1.35
N GLU A 161 27.64 13.97 0.59
CA GLU A 161 26.75 15.07 0.24
C GLU A 161 25.51 14.49 -0.46
N TYR A 162 25.78 13.58 -1.38
CA TYR A 162 24.72 12.92 -2.13
C TYR A 162 23.82 12.14 -1.19
N PHE A 163 24.41 11.50 -0.19
CA PHE A 163 23.62 10.72 0.75
C PHE A 163 22.60 11.62 1.43
N GLU A 164 23.01 12.85 1.74
CA GLU A 164 22.12 13.76 2.44
C GLU A 164 20.89 14.02 1.59
N ARG A 165 21.10 14.15 0.29
CA ARG A 165 19.99 14.38 -0.64
C ARG A 165 19.03 13.20 -0.61
N LEU A 166 19.57 12.00 -0.43
CA LEU A 166 18.73 10.79 -0.39
C LEU A 166 18.04 10.64 0.94
N LEU A 167 18.65 11.19 1.99
CA LEU A 167 18.23 10.86 3.36
C LEU A 167 16.73 11.07 3.67
N PRO A 168 16.10 12.13 3.15
CA PRO A 168 14.67 12.25 3.46
C PRO A 168 13.78 11.11 2.94
N GLY A 169 14.29 10.31 2.00
CA GLY A 169 13.49 9.24 1.41
C GLY A 169 13.61 7.89 2.11
N VAL A 170 14.41 7.83 3.16
CA VAL A 170 14.70 6.56 3.84
C VAL A 170 14.14 6.53 5.26
N ARG A 171 13.69 5.37 5.69
CA ARG A 171 13.22 5.18 7.07
C ARG A 171 13.91 3.94 7.60
N GLY A 172 13.96 3.79 8.93
CA GLY A 172 14.71 2.68 9.49
C GLY A 172 14.06 1.92 10.62
N PHE A 173 14.66 0.79 10.96
CA PHE A 173 14.10 -0.02 12.02
C PHE A 173 15.23 -0.74 12.73
N GLU A 174 14.94 -1.10 13.96
CA GLU A 174 15.82 -1.90 14.76
C GLU A 174 15.04 -3.08 15.28
N ILE A 175 15.65 -4.24 15.24
CA ILE A 175 15.07 -5.43 15.81
C ILE A 175 15.98 -5.95 16.90
N LYS A 176 15.43 -6.03 18.11
CA LYS A 176 16.16 -6.61 19.22
C LYS A 176 15.92 -8.11 19.22
N ILE A 177 16.97 -8.87 18.92
CA ILE A 177 16.83 -10.31 18.71
C ILE A 177 16.35 -11.00 19.96
N GLU A 178 15.24 -11.73 19.85
CA GLU A 178 14.68 -12.48 20.98
C GLU A 178 14.88 -13.98 20.76
N SER A 179 14.93 -14.40 19.50
CA SER A 179 15.19 -15.81 19.22
C SER A 179 15.79 -16.00 17.83
N VAL A 180 16.53 -17.08 17.62
CA VAL A 180 17.12 -17.37 16.31
C VAL A 180 17.01 -18.85 15.95
N ASP A 181 16.39 -19.15 14.81
CA ASP A 181 16.38 -20.52 14.30
C ASP A 181 17.38 -20.64 13.13
N SER A 182 18.23 -21.66 13.17
CA SER A 182 19.24 -21.87 12.14
C SER A 182 19.06 -23.20 11.42
N MET A 183 18.84 -23.13 10.12
CA MET A 183 18.70 -24.32 9.30
C MET A 183 19.94 -24.53 8.41
N PHE A 184 20.72 -25.58 8.69
CA PHE A 184 21.84 -25.92 7.83
C PHE A 184 21.64 -27.35 7.32
N LYS A 185 20.74 -27.45 6.34
CA LYS A 185 20.36 -28.72 5.77
C LYS A 185 21.38 -29.05 4.70
N LEU A 186 22.38 -29.85 5.09
CA LEU A 186 23.56 -30.11 4.28
C LEU A 186 23.87 -31.61 4.13
N SER A 187 22.84 -32.42 3.88
CA SER A 187 23.00 -33.85 3.63
C SER A 187 23.53 -34.66 4.83
N GLN A 188 23.37 -34.17 6.05
CA GLN A 188 23.86 -34.91 7.22
C GLN A 188 23.13 -36.23 7.45
N GLU A 189 21.98 -36.39 6.80
CA GLU A 189 21.24 -37.63 6.90
C GLU A 189 21.87 -38.73 6.03
N GLN A 190 22.87 -38.35 5.23
CA GLN A 190 23.55 -39.31 4.37
C GLN A 190 24.82 -39.94 4.96
N LEU A 191 25.20 -41.07 4.38
CA LEU A 191 26.47 -41.70 4.74
C LEU A 191 27.59 -40.75 4.33
N PRO A 192 28.71 -40.77 5.08
CA PRO A 192 29.86 -39.90 4.81
C PRO A 192 30.35 -40.00 3.36
N GLU A 193 30.36 -41.21 2.81
CA GLU A 193 30.77 -41.43 1.42
C GLU A 193 29.82 -40.73 0.44
N THR A 194 28.53 -40.82 0.74
CA THR A 194 27.50 -40.20 -0.08
C THR A 194 27.67 -38.69 0.02
N VAL A 195 27.92 -38.20 1.23
CA VAL A 195 28.13 -36.80 1.44
C VAL A 195 29.33 -36.33 0.61
N THR A 196 30.39 -37.12 0.56
CA THR A 196 31.52 -36.77 -0.32
C THR A 196 31.10 -36.70 -1.80
N LYS A 197 30.27 -37.63 -2.25
CA LYS A 197 29.74 -37.56 -3.63
C LYS A 197 28.96 -36.26 -3.90
N VAL A 198 28.14 -35.86 -2.94
CA VAL A 198 27.38 -34.64 -3.08
C VAL A 198 28.32 -33.46 -3.14
N ILE A 199 29.30 -33.44 -2.24
CA ILE A 199 30.28 -32.37 -2.20
C ILE A 199 31.01 -32.23 -3.54
N ASP A 200 31.55 -33.34 -4.04
CA ASP A 200 32.31 -33.31 -5.27
C ASP A 200 31.45 -32.90 -6.47
N SER A 201 30.22 -33.40 -6.54
CA SER A 201 29.30 -33.06 -7.62
C SER A 201 28.95 -31.58 -7.60
N PHE A 202 28.78 -31.04 -6.41
CA PHE A 202 28.49 -29.62 -6.31
C PHE A 202 29.73 -28.81 -6.68
N ARG A 203 30.89 -29.33 -6.34
CA ARG A 203 32.13 -28.64 -6.68
C ARG A 203 32.42 -28.63 -8.19
N ARG A 204 31.93 -29.60 -8.93
CA ARG A 204 32.18 -29.67 -10.37
C ARG A 204 31.27 -28.78 -11.20
N SER A 205 30.24 -28.23 -10.58
CA SER A 205 29.33 -27.36 -11.29
C SER A 205 29.55 -25.91 -10.86
N ASP A 206 29.36 -24.97 -11.78
CA ASP A 206 29.49 -23.55 -11.47
C ASP A 206 28.20 -22.77 -11.72
N ARG A 209 24.85 -21.52 -6.70
CA ARG A 209 25.77 -21.25 -5.59
C ARG A 209 26.37 -22.55 -5.01
N ARG A 210 26.59 -23.54 -5.88
CA ARG A 210 26.97 -24.88 -5.44
C ARG A 210 28.42 -25.04 -4.94
N GLN A 211 29.24 -24.02 -5.20
CA GLN A 211 30.62 -23.99 -4.73
C GLN A 211 30.68 -23.69 -3.25
N GLU A 212 30.06 -22.56 -2.92
CA GLU A 212 29.95 -22.11 -1.54
C GLU A 212 29.22 -23.16 -0.72
N LEU A 213 28.20 -23.75 -1.33
CA LEU A 213 27.40 -24.80 -0.70
C LEU A 213 28.23 -26.05 -0.40
N ALA A 214 29.00 -26.52 -1.38
CA ALA A 214 29.85 -27.69 -1.19
C ALA A 214 30.79 -27.45 -0.02
N THR A 215 31.35 -26.25 0.04
CA THR A 215 32.21 -25.91 1.18
C THR A 215 31.45 -25.96 2.52
N MET A 216 30.22 -25.47 2.56
CA MET A 216 29.44 -25.56 3.82
C MET A 216 29.12 -27.03 4.20
N ILE A 217 28.79 -27.85 3.20
CA ILE A 217 28.55 -29.27 3.43
C ILE A 217 29.79 -29.94 4.03
N GLU A 218 30.94 -29.64 3.45
CA GLU A 218 32.21 -30.19 3.91
C GLU A 218 32.50 -29.77 5.34
N ARG A 219 32.22 -28.50 5.64
CA ARG A 219 32.43 -27.97 6.97
C ARG A 219 31.57 -28.69 7.98
N ALA A 220 30.32 -28.99 7.59
CA ALA A 220 29.42 -29.71 8.48
C ALA A 220 29.91 -31.12 8.70
N ALA A 221 30.54 -31.71 7.68
CA ALA A 221 31.00 -33.09 7.77
C ALA A 221 32.35 -33.24 8.47
N SER A 222 33.09 -32.16 8.55
CA SER A 222 34.45 -32.15 9.11
C SER A 222 34.43 -32.08 10.63
N SER B 1 1.56 -6.44 0.16
CA SER B 1 2.15 -6.60 -1.16
C SER B 1 3.60 -6.21 -1.16
N MET B 2 4.35 -6.73 -2.13
CA MET B 2 5.72 -6.31 -2.23
C MET B 2 5.71 -5.03 -3.08
N TYR B 3 6.28 -3.98 -2.53
CA TYR B 3 6.38 -2.71 -3.20
C TYR B 3 7.41 -2.82 -4.33
N VAL B 4 6.96 -2.70 -5.58
CA VAL B 4 7.90 -2.77 -6.69
C VAL B 4 7.91 -1.49 -7.50
N PRO B 5 9.01 -0.73 -7.41
CA PRO B 5 9.18 0.46 -8.25
C PRO B 5 9.02 0.07 -9.71
N GLU B 6 8.38 0.93 -10.49
CA GLU B 6 8.03 0.62 -11.86
C GLU B 6 9.21 0.13 -12.69
N GLN B 7 10.38 0.73 -12.44
CA GLN B 7 11.56 0.40 -13.21
C GLN B 7 12.07 -1.01 -12.88
N TYR B 8 11.58 -1.62 -11.81
CA TYR B 8 12.03 -2.97 -11.46
C TYR B 8 10.98 -4.05 -11.78
N ARG B 9 9.93 -3.67 -12.49
CA ARG B 9 8.91 -4.63 -12.92
C ARG B 9 9.36 -5.39 -14.15
N PRO B 10 9.00 -6.68 -14.25
CA PRO B 10 9.38 -7.51 -15.39
C PRO B 10 8.79 -7.03 -16.71
N ARG B 11 9.63 -7.05 -17.75
CA ARG B 11 9.24 -6.70 -19.11
C ARG B 11 8.40 -7.79 -19.76
N ASP B 12 8.58 -9.01 -19.28
CA ASP B 12 7.85 -10.17 -19.78
C ASP B 12 7.40 -11.01 -18.60
N ALA B 13 6.24 -11.66 -18.71
CA ALA B 13 5.72 -12.47 -17.61
C ALA B 13 6.56 -13.75 -17.47
N SER B 14 7.20 -14.09 -18.58
CA SER B 14 8.09 -15.23 -18.66
C SER B 14 9.22 -15.13 -17.63
N TRP B 15 9.61 -13.92 -17.27
CA TRP B 15 10.64 -13.75 -16.23
C TRP B 15 10.14 -14.32 -14.90
N THR B 16 8.90 -13.99 -14.56
CA THR B 16 8.26 -14.43 -13.33
C THR B 16 8.09 -15.95 -13.33
N LEU B 17 7.53 -16.49 -14.41
CA LEU B 17 7.34 -17.93 -14.48
C LEU B 17 8.69 -18.69 -14.39
N GLU B 18 9.69 -18.20 -15.11
CA GLU B 18 11.03 -18.80 -15.12
C GLU B 18 11.63 -18.78 -13.73
N LEU B 19 11.52 -17.65 -13.05
CA LEU B 19 12.10 -17.54 -11.74
C LEU B 19 11.43 -18.54 -10.80
N ILE B 20 10.12 -18.69 -10.91
CA ILE B 20 9.41 -19.62 -10.05
C ILE B 20 9.93 -21.04 -10.29
N ARG B 21 10.03 -21.45 -11.55
CA ARG B 21 10.50 -22.81 -11.85
C ARG B 21 11.96 -23.08 -11.51
N SER B 22 12.83 -22.09 -11.72
CA SER B 22 14.24 -22.24 -11.42
C SER B 22 14.50 -22.26 -9.94
N ASN B 23 13.62 -21.61 -9.17
CA ASN B 23 13.80 -21.57 -7.71
C ASN B 23 12.54 -21.98 -6.94
N PRO B 24 12.16 -23.26 -7.07
CA PRO B 24 10.90 -23.81 -6.56
C PRO B 24 10.87 -24.05 -5.05
N LEU B 25 11.99 -23.85 -4.35
CA LEU B 25 11.94 -23.90 -2.89
C LEU B 25 11.56 -22.52 -2.36
N ALA B 26 10.26 -22.34 -2.13
CA ALA B 26 9.70 -21.05 -1.74
C ALA B 26 9.53 -20.91 -0.24
N LEU B 27 9.34 -19.67 0.21
CA LEU B 27 9.11 -19.41 1.60
C LEU B 27 7.62 -19.22 1.80
N LEU B 28 7.01 -20.16 2.53
CA LEU B 28 5.60 -20.12 2.84
C LEU B 28 5.40 -19.33 4.13
N VAL B 29 4.65 -18.24 4.02
CA VAL B 29 4.55 -17.28 5.09
C VAL B 29 3.10 -17.01 5.42
N THR B 30 2.74 -17.23 6.68
CA THR B 30 1.38 -16.95 7.13
C THR B 30 1.36 -16.16 8.43
N ASN B 31 0.25 -15.49 8.72
CA ASN B 31 0.13 -14.75 9.97
C ASN B 31 0.24 -15.68 11.18
N GLY B 32 0.83 -15.18 12.26
CA GLY B 32 0.94 -15.91 13.50
C GLY B 32 0.85 -15.00 14.70
N PRO B 33 0.83 -15.60 15.92
CA PRO B 33 0.79 -14.81 17.15
C PRO B 33 2.07 -14.00 17.29
N GLN B 34 1.98 -12.67 17.40
CA GLN B 34 3.12 -11.75 17.58
C GLN B 34 3.97 -11.51 16.31
N HIS B 35 4.16 -12.55 15.49
CA HIS B 35 4.88 -12.40 14.22
C HIS B 35 4.49 -13.58 13.31
N PRO B 36 4.89 -13.55 12.03
CA PRO B 36 4.44 -14.65 11.17
C PRO B 36 5.18 -15.99 11.29
N TRP B 37 4.57 -17.02 10.69
CA TRP B 37 5.16 -18.32 10.38
C TRP B 37 5.86 -18.24 9.04
N ALA B 38 7.02 -18.88 8.95
CA ALA B 38 7.80 -18.95 7.71
C ALA B 38 8.41 -20.34 7.59
N THR B 39 8.10 -21.06 6.52
CA THR B 39 8.71 -22.36 6.29
C THR B 39 9.15 -22.52 4.85
N HIS B 40 10.37 -23.06 4.65
CA HIS B 40 10.88 -23.33 3.31
C HIS B 40 10.26 -24.62 2.78
N VAL B 41 9.52 -24.50 1.68
CA VAL B 41 8.78 -25.63 1.13
C VAL B 41 8.96 -25.78 -0.37
N PRO B 42 8.93 -27.02 -0.85
CA PRO B 42 9.08 -27.34 -2.27
C PRO B 42 7.74 -27.26 -2.99
N VAL B 43 7.58 -26.28 -3.88
CA VAL B 43 6.30 -26.10 -4.54
C VAL B 43 6.42 -26.30 -6.05
N LEU B 44 5.28 -26.49 -6.70
CA LEU B 44 5.25 -26.59 -8.15
C LEU B 44 3.86 -26.28 -8.68
N PHE B 45 3.78 -25.86 -9.95
CA PHE B 45 2.49 -25.57 -10.56
C PHE B 45 1.66 -26.81 -10.79
N ALA B 46 0.35 -26.67 -10.63
CA ALA B 46 -0.59 -27.75 -10.92
C ALA B 46 -0.85 -27.83 -12.42
N ASP B 64 -1.93 -13.17 -15.12
CA ASP B 64 -1.32 -14.27 -15.87
C ASP B 64 -1.23 -15.54 -15.00
N LEU B 65 -0.52 -15.46 -13.88
CA LEU B 65 -0.56 -16.57 -12.94
C LEU B 65 -1.87 -16.62 -12.15
N VAL B 66 -2.59 -15.50 -12.09
CA VAL B 66 -3.83 -15.43 -11.30
C VAL B 66 -4.82 -16.53 -11.71
N GLY B 67 -5.34 -17.25 -10.74
CA GLY B 67 -6.22 -18.37 -11.01
C GLY B 67 -5.49 -19.70 -11.13
N ARG B 68 -4.18 -19.67 -11.30
CA ARG B 68 -3.39 -20.91 -11.32
C ARG B 68 -3.21 -21.42 -9.91
N ARG B 69 -2.77 -22.67 -9.75
CA ARG B 69 -2.63 -23.24 -8.42
C ARG B 69 -1.21 -23.75 -8.17
N LEU B 70 -0.66 -23.40 -7.02
CA LEU B 70 0.65 -23.88 -6.62
C LEU B 70 0.46 -24.94 -5.54
N LEU B 71 1.12 -26.09 -5.72
CA LEU B 71 1.00 -27.20 -4.78
C LEU B 71 2.29 -27.35 -4.00
N GLY B 72 2.19 -27.84 -2.77
CA GLY B 72 3.37 -28.04 -1.94
C GLY B 72 3.23 -29.11 -0.87
N HIS B 73 4.35 -29.45 -0.23
CA HIS B 73 4.30 -30.34 0.91
C HIS B 73 5.29 -29.92 2.00
N LEU B 74 5.07 -30.45 3.19
CA LEU B 74 5.90 -30.17 4.35
C LEU B 74 5.71 -31.24 5.42
N ASN B 75 6.56 -31.20 6.44
CA ASN B 75 6.55 -32.20 7.50
C ASN B 75 5.30 -32.12 8.40
N LEU B 76 4.60 -33.24 8.55
CA LEU B 76 3.44 -33.34 9.44
C LEU B 76 3.76 -32.86 10.84
N MET B 77 4.98 -33.12 11.29
CA MET B 77 5.36 -32.76 12.64
C MET B 77 5.81 -31.31 12.75
N ASN B 78 5.90 -30.61 11.62
CA ASN B 78 6.19 -29.17 11.61
C ASN B 78 4.96 -28.45 12.15
N PRO B 79 5.10 -27.66 13.23
CA PRO B 79 3.97 -26.95 13.85
C PRO B 79 3.27 -25.96 12.88
N HIS B 80 4.02 -25.50 11.88
CA HIS B 80 3.45 -24.63 10.85
C HIS B 80 2.28 -25.32 10.19
N TRP B 81 2.36 -26.65 10.05
CA TRP B 81 1.28 -27.41 9.43
C TRP B 81 -0.05 -27.26 10.18
N GLU B 82 0.02 -27.38 11.49
CA GLU B 82 -1.17 -27.20 12.29
C GLU B 82 -1.64 -25.73 12.21
N ALA B 83 -0.69 -24.79 12.22
CA ALA B 83 -1.03 -23.38 12.12
C ALA B 83 -1.76 -23.07 10.82
N LEU B 84 -1.50 -23.86 9.78
CA LEU B 84 -2.11 -23.62 8.48
C LEU B 84 -3.65 -23.75 8.47
N ALA B 85 -4.20 -24.53 9.39
CA ALA B 85 -5.66 -24.69 9.45
C ALA B 85 -6.41 -23.40 9.77
N GLY B 86 -5.73 -22.45 10.40
CA GLY B 86 -6.36 -21.20 10.79
C GLY B 86 -6.11 -20.07 9.80
N ALA B 87 -5.42 -20.35 8.71
CA ALA B 87 -5.11 -19.32 7.71
C ALA B 87 -5.92 -19.44 6.41
N GLY B 88 -6.66 -18.39 6.07
CA GLY B 88 -7.39 -18.39 4.81
C GLY B 88 -6.45 -18.09 3.65
N HIS B 89 -5.44 -17.29 3.92
CA HIS B 89 -4.57 -16.85 2.85
C HIS B 89 -3.12 -16.92 3.27
N ALA B 90 -2.24 -17.00 2.28
CA ALA B 90 -0.83 -17.13 2.51
C ALA B 90 -0.04 -16.43 1.44
N LEU B 91 1.24 -16.22 1.76
CA LEU B 91 2.19 -15.65 0.83
C LEU B 91 3.30 -16.66 0.56
N LEU B 92 3.71 -16.80 -0.71
CA LEU B 92 4.86 -17.61 -1.12
C LEU B 92 5.94 -16.77 -1.76
N VAL B 93 7.14 -16.81 -1.20
CA VAL B 93 8.22 -16.00 -1.73
C VAL B 93 9.31 -16.81 -2.42
N PHE B 94 9.52 -16.50 -3.70
CA PHE B 94 10.52 -17.12 -4.55
C PHE B 94 11.69 -16.16 -4.73
N GLN B 95 12.91 -16.67 -4.65
CA GLN B 95 14.07 -15.83 -4.90
C GLN B 95 15.00 -16.42 -5.93
N GLY B 96 15.45 -15.57 -6.87
CA GLY B 96 16.43 -15.96 -7.85
C GLY B 96 17.76 -15.32 -7.48
N PRO B 97 18.67 -15.22 -8.46
CA PRO B 97 19.98 -14.64 -8.18
C PRO B 97 19.90 -13.19 -7.74
N GLY B 98 20.92 -12.82 -6.97
CA GLY B 98 21.08 -11.48 -6.45
C GLY B 98 22.52 -11.29 -6.02
N SER B 99 22.94 -10.04 -5.89
CA SER B 99 24.27 -9.71 -5.45
C SER B 99 24.37 -8.25 -5.04
N TYR B 100 25.30 -7.97 -4.16
CA TYR B 100 25.65 -6.60 -3.80
C TYR B 100 26.24 -5.90 -5.02
N VAL B 101 25.96 -4.62 -5.15
CA VAL B 101 26.51 -3.82 -6.23
C VAL B 101 27.30 -2.68 -5.60
N SER B 102 28.62 -2.80 -5.71
CA SER B 102 29.55 -1.81 -5.22
C SER B 102 29.68 -0.68 -6.24
N PRO B 103 29.71 0.56 -5.77
CA PRO B 103 29.75 1.69 -6.73
C PRO B 103 31.01 1.70 -7.60
N THR B 104 32.06 0.99 -7.19
CA THR B 104 33.30 0.91 -7.94
C THR B 104 33.09 0.42 -9.38
N VAL B 105 32.17 -0.53 -9.55
CA VAL B 105 31.82 -1.03 -10.87
C VAL B 105 31.24 0.07 -11.77
N TYR B 106 30.51 1.00 -11.16
CA TYR B 106 29.87 2.10 -11.91
C TYR B 106 30.87 3.04 -12.56
N GLU B 107 31.99 3.28 -11.87
CA GLU B 107 33.00 4.24 -12.34
C GLU B 107 32.38 5.63 -12.41
N THR B 108 31.45 5.90 -11.49
CA THR B 108 30.76 7.19 -11.44
C THR B 108 30.88 7.77 -10.04
N ALA B 109 30.66 9.07 -9.95
CA ALA B 109 30.63 9.76 -8.66
C ALA B 109 29.77 11.01 -8.81
N PRO B 110 28.92 11.30 -7.82
CA PRO B 110 28.72 10.50 -6.60
C PRO B 110 27.88 9.28 -6.88
N ALA B 111 27.84 8.34 -5.93
CA ALA B 111 27.01 7.17 -6.09
C ALA B 111 26.62 6.60 -4.74
N ALA B 112 25.76 5.60 -4.77
CA ALA B 112 25.41 4.85 -3.59
C ALA B 112 25.43 3.38 -3.98
N PRO B 113 25.86 2.51 -3.06
CA PRO B 113 25.82 1.08 -3.38
C PRO B 113 24.39 0.61 -3.43
N THR B 114 24.16 -0.59 -3.92
CA THR B 114 22.81 -1.13 -3.83
C THR B 114 22.84 -2.64 -3.86
N TRP B 115 21.67 -3.26 -3.93
CA TRP B 115 21.62 -4.71 -4.07
C TRP B 115 20.73 -5.03 -5.24
N ASP B 116 21.25 -5.82 -6.17
CA ASP B 116 20.46 -6.26 -7.31
C ASP B 116 19.90 -7.62 -6.96
N PHE B 117 18.59 -7.82 -7.11
CA PHE B 117 18.04 -9.10 -6.75
C PHE B 117 16.73 -9.36 -7.49
N THR B 118 16.30 -10.62 -7.44
CA THR B 118 15.10 -11.06 -8.11
C THR B 118 14.24 -11.87 -7.15
N SER B 119 12.97 -11.53 -7.12
CA SER B 119 12.07 -12.11 -6.17
C SER B 119 10.64 -12.05 -6.68
N VAL B 120 9.86 -13.07 -6.38
CA VAL B 120 8.46 -13.09 -6.76
C VAL B 120 7.66 -13.44 -5.51
N HIS B 121 6.68 -12.60 -5.17
CA HIS B 121 5.78 -12.87 -4.06
C HIS B 121 4.40 -13.22 -4.58
N VAL B 122 3.99 -14.45 -4.35
CA VAL B 122 2.66 -14.88 -4.74
C VAL B 122 1.72 -14.84 -3.54
N HIS B 123 0.61 -14.13 -3.68
CA HIS B 123 -0.46 -14.07 -2.69
C HIS B 123 -1.54 -15.02 -3.17
N GLY B 124 -2.05 -15.85 -2.26
CA GLY B 124 -3.16 -16.71 -2.63
C GLY B 124 -3.94 -17.32 -1.47
N ALA B 125 -5.09 -17.91 -1.83
CA ALA B 125 -5.97 -18.61 -0.90
C ALA B 125 -5.41 -19.99 -0.62
N LEU B 126 -5.44 -20.35 0.65
CA LEU B 126 -4.78 -21.55 1.11
C LEU B 126 -5.76 -22.70 1.25
N ARG B 127 -5.35 -23.88 0.80
CA ARG B 127 -6.20 -25.06 0.96
C ARG B 127 -5.30 -26.20 1.49
N LEU B 128 -5.80 -26.99 2.42
CA LEU B 128 -4.98 -28.04 3.04
C LEU B 128 -5.24 -29.41 2.44
N ILE B 129 -4.18 -30.20 2.28
CA ILE B 129 -4.29 -31.56 1.75
C ILE B 129 -3.74 -32.63 2.71
N ASP B 130 -4.60 -33.56 3.13
CA ASP B 130 -4.16 -34.66 3.98
C ASP B 130 -4.53 -36.01 3.41
N ASP B 131 -5.22 -36.02 2.28
CA ASP B 131 -5.57 -37.27 1.62
C ASP B 131 -4.28 -37.92 1.08
N PRO B 132 -3.99 -39.17 1.47
CA PRO B 132 -2.76 -39.85 1.06
C PRO B 132 -2.56 -39.96 -0.46
N ASP B 133 -3.64 -40.17 -1.19
CA ASP B 133 -3.58 -40.29 -2.65
C ASP B 133 -3.09 -39.00 -3.28
N ASP B 134 -3.65 -37.89 -2.80
CA ASP B 134 -3.28 -36.56 -3.29
C ASP B 134 -1.85 -36.24 -2.92
N LEU B 135 -1.43 -36.68 -1.74
CA LEU B 135 -0.05 -36.45 -1.34
C LEU B 135 0.94 -37.27 -2.21
N ARG B 136 0.54 -38.47 -2.56
CA ARG B 136 1.34 -39.28 -3.45
C ARG B 136 1.52 -38.55 -4.78
N LYS B 137 0.40 -38.06 -5.33
CA LYS B 137 0.44 -37.31 -6.59
C LYS B 137 1.35 -36.08 -6.50
N ILE B 138 1.23 -35.34 -5.39
CA ILE B 138 2.05 -34.17 -5.17
C ILE B 138 3.55 -34.49 -5.11
N VAL B 139 3.95 -35.46 -4.28
CA VAL B 139 5.37 -35.74 -4.10
C VAL B 139 6.00 -36.29 -5.38
N GLN B 140 5.27 -37.18 -6.06
CA GLN B 140 5.75 -37.74 -7.31
C GLN B 140 5.89 -36.67 -8.40
N ALA B 141 4.88 -35.79 -8.48
CA ALA B 141 4.92 -34.71 -9.46
C ALA B 141 6.10 -33.79 -9.15
N THR B 142 6.36 -33.56 -7.88
CA THR B 142 7.50 -32.73 -7.49
C THR B 142 8.79 -33.37 -7.98
N VAL B 143 8.92 -34.68 -7.79
CA VAL B 143 10.11 -35.36 -8.29
C VAL B 143 10.28 -35.21 -9.80
N ARG B 144 9.22 -35.51 -10.57
CA ARG B 144 9.33 -35.42 -12.03
C ARG B 144 9.70 -34.00 -12.45
N ALA B 145 8.97 -33.04 -11.90
CA ALA B 145 9.13 -31.65 -12.28
C ALA B 145 10.53 -31.15 -11.99
N TYR B 146 11.05 -31.44 -10.80
CA TYR B 146 12.38 -30.94 -10.44
C TYR B 146 13.47 -31.65 -11.23
N GLU B 147 13.32 -32.96 -11.40
CA GLU B 147 14.29 -33.74 -12.14
C GLU B 147 14.44 -33.22 -13.56
N ARG B 148 13.31 -32.90 -14.18
CA ARG B 148 13.33 -32.36 -15.53
C ARG B 148 13.84 -30.91 -15.52
N GLU B 149 13.35 -30.10 -14.59
CA GLU B 149 13.76 -28.69 -14.56
C GLU B 149 15.16 -28.55 -14.00
N THR B 152 18.62 -34.17 -13.02
CA THR B 152 19.39 -35.09 -13.88
C THR B 152 18.50 -36.17 -14.50
N ASP B 153 17.20 -35.92 -14.54
CA ASP B 153 16.22 -36.89 -15.03
C ASP B 153 16.31 -38.27 -14.35
N TRP B 154 16.52 -38.25 -13.03
CA TRP B 154 16.57 -39.45 -12.21
C TRP B 154 15.23 -40.17 -12.25
N ASP B 155 15.29 -41.50 -12.27
CA ASP B 155 14.10 -42.34 -12.40
C ASP B 155 13.64 -42.82 -11.04
N MET B 156 12.41 -42.50 -10.65
CA MET B 156 11.94 -42.81 -9.31
C MET B 156 11.29 -44.19 -9.21
N SER B 157 11.31 -44.95 -10.30
CA SER B 157 10.60 -46.23 -10.36
C SER B 157 10.96 -47.19 -9.23
N GLU B 158 12.25 -47.35 -8.98
CA GLU B 158 12.71 -48.28 -7.95
C GLU B 158 12.51 -47.76 -6.52
N SER B 159 12.11 -46.50 -6.38
CA SER B 159 11.95 -45.91 -5.06
C SER B 159 10.50 -45.66 -4.64
N LEU B 160 9.55 -46.05 -5.50
CA LEU B 160 8.15 -45.78 -5.23
C LEU B 160 7.69 -46.43 -3.93
N GLU B 161 8.10 -47.68 -3.73
CA GLU B 161 7.74 -48.39 -2.51
C GLU B 161 8.28 -47.60 -1.34
N TYR B 162 9.51 -47.11 -1.50
CA TYR B 162 10.13 -46.31 -0.44
C TYR B 162 9.29 -45.05 -0.15
N PHE B 163 8.76 -44.43 -1.20
CA PHE B 163 7.98 -43.21 -1.03
C PHE B 163 6.82 -43.54 -0.11
N GLU B 164 6.26 -44.73 -0.28
CA GLU B 164 5.10 -45.13 0.50
C GLU B 164 5.45 -45.14 1.97
N ARG B 165 6.63 -45.65 2.28
CA ARG B 165 7.09 -45.70 3.66
C ARG B 165 7.19 -44.30 4.26
N LEU B 166 7.56 -43.34 3.41
CA LEU B 166 7.67 -41.95 3.83
C LEU B 166 6.32 -41.24 3.91
N LEU B 167 5.36 -41.71 3.11
CA LEU B 167 4.11 -40.94 2.87
C LEU B 167 3.26 -40.54 4.09
N PRO B 168 3.11 -41.41 5.10
CA PRO B 168 2.28 -40.96 6.21
C PRO B 168 2.84 -39.76 6.97
N GLY B 169 4.14 -39.47 6.80
CA GLY B 169 4.78 -38.39 7.51
C GLY B 169 4.73 -37.03 6.80
N VAL B 170 4.07 -36.96 5.64
CA VAL B 170 4.02 -35.73 4.86
C VAL B 170 2.61 -35.13 4.75
N ARG B 171 2.53 -33.80 4.75
CA ARG B 171 1.26 -33.11 4.57
C ARG B 171 1.41 -32.07 3.51
N GLY B 172 0.31 -31.62 2.91
CA GLY B 172 0.43 -30.74 1.76
C GLY B 172 -0.51 -29.57 1.75
N PHE B 173 -0.30 -28.67 0.79
CA PHE B 173 -1.15 -27.50 0.69
C PHE B 173 -1.30 -27.05 -0.75
N GLU B 174 -2.36 -26.29 -0.98
CA GLU B 174 -2.57 -25.69 -2.28
C GLU B 174 -2.82 -24.20 -2.11
N ILE B 175 -2.21 -23.41 -2.99
CA ILE B 175 -2.42 -21.98 -2.98
C ILE B 175 -3.06 -21.58 -4.30
N LYS B 176 -4.27 -21.05 -4.28
CA LYS B 176 -4.87 -20.60 -5.52
C LYS B 176 -4.49 -19.13 -5.70
N ILE B 177 -3.66 -18.87 -6.73
CA ILE B 177 -3.03 -17.56 -6.89
C ILE B 177 -4.03 -16.42 -7.14
N GLU B 178 -3.96 -15.40 -6.29
CA GLU B 178 -4.83 -14.23 -6.37
C GLU B 178 -4.04 -12.99 -6.80
N SER B 179 -2.75 -12.95 -6.45
CA SER B 179 -1.95 -11.83 -6.94
C SER B 179 -0.48 -12.21 -6.99
N VAL B 180 0.27 -11.55 -7.86
CA VAL B 180 1.70 -11.78 -7.97
C VAL B 180 2.47 -10.47 -8.05
N ASP B 181 3.44 -10.29 -7.16
CA ASP B 181 4.38 -9.17 -7.22
C ASP B 181 5.73 -9.67 -7.73
N SER B 182 6.29 -8.99 -8.72
CA SER B 182 7.57 -9.40 -9.29
C SER B 182 8.62 -8.30 -9.19
N MET B 183 9.70 -8.59 -8.48
CA MET B 183 10.80 -7.65 -8.31
C MET B 183 11.99 -8.11 -9.13
N PHE B 184 12.30 -7.34 -10.17
CA PHE B 184 13.49 -7.65 -10.96
C PHE B 184 14.41 -6.44 -10.91
N LYS B 185 15.04 -6.30 -9.76
CA LYS B 185 15.92 -5.19 -9.50
C LYS B 185 17.26 -5.52 -10.10
N LEU B 186 17.44 -5.02 -11.32
CA LEU B 186 18.54 -5.38 -12.21
C LEU B 186 19.27 -4.16 -12.77
N SER B 187 19.53 -3.17 -11.92
CA SER B 187 20.30 -1.99 -12.28
C SER B 187 19.69 -1.09 -13.36
N GLN B 188 18.37 -1.18 -13.56
CA GLN B 188 17.69 -0.37 -14.57
C GLN B 188 17.73 1.12 -14.19
N GLU B 189 18.01 1.42 -12.91
CA GLU B 189 18.10 2.82 -12.49
C GLU B 189 19.43 3.48 -12.93
N GLN B 190 20.35 2.68 -13.45
CA GLN B 190 21.63 3.20 -13.93
C GLN B 190 21.55 3.50 -15.42
N LEU B 191 22.46 4.34 -15.91
CA LEU B 191 22.56 4.65 -17.35
C LEU B 191 22.93 3.40 -18.15
N PRO B 192 22.54 3.35 -19.43
CA PRO B 192 22.83 2.20 -20.30
C PRO B 192 24.31 1.80 -20.33
N GLU B 193 25.19 2.80 -20.39
CA GLU B 193 26.64 2.55 -20.42
C GLU B 193 27.08 1.87 -19.12
N THR B 194 26.49 2.35 -18.03
CA THR B 194 26.76 1.79 -16.71
C THR B 194 26.26 0.38 -16.59
N VAL B 195 25.04 0.14 -17.08
CA VAL B 195 24.47 -1.21 -17.03
C VAL B 195 25.41 -2.16 -17.78
N THR B 196 25.97 -1.70 -18.89
CA THR B 196 26.94 -2.50 -19.61
C THR B 196 28.13 -2.85 -18.69
N LYS B 197 28.60 -1.86 -17.91
CA LYS B 197 29.68 -2.18 -16.96
C LYS B 197 29.32 -3.19 -15.85
N VAL B 198 28.15 -3.06 -15.24
CA VAL B 198 27.80 -4.02 -14.18
C VAL B 198 27.63 -5.42 -14.81
N ILE B 199 27.02 -5.49 -16.00
CA ILE B 199 26.92 -6.76 -16.72
C ILE B 199 28.28 -7.42 -16.89
N ASP B 200 29.23 -6.69 -17.49
CA ASP B 200 30.55 -7.26 -17.70
C ASP B 200 31.29 -7.59 -16.41
N SER B 201 31.14 -6.74 -15.40
CA SER B 201 31.80 -6.97 -14.12
C SER B 201 31.30 -8.25 -13.44
N PHE B 202 30.00 -8.48 -13.54
CA PHE B 202 29.41 -9.69 -12.97
C PHE B 202 29.79 -10.90 -13.78
N ARG B 203 29.95 -10.73 -15.09
CA ARG B 203 30.39 -11.83 -15.92
C ARG B 203 31.83 -12.24 -15.68
N ARG B 204 32.66 -11.31 -15.22
CA ARG B 204 34.07 -11.61 -15.00
C ARG B 204 34.30 -12.30 -13.66
N SER B 205 33.25 -12.42 -12.84
CA SER B 205 33.42 -13.08 -11.53
C SER B 205 32.77 -14.47 -11.50
N ASP B 206 33.45 -15.40 -10.81
CA ASP B 206 32.98 -16.77 -10.66
C ASP B 206 31.95 -16.93 -9.55
N GLY B 207 31.85 -15.91 -8.69
CA GLY B 207 31.00 -16.02 -7.51
C GLY B 207 29.55 -16.24 -7.89
N GLY B 208 28.97 -17.35 -7.44
CA GLY B 208 27.58 -17.60 -7.75
C GLY B 208 26.79 -16.58 -6.98
N ARG B 209 25.71 -16.08 -7.56
CA ARG B 209 25.25 -16.44 -8.90
C ARG B 209 25.38 -15.26 -9.87
N ARG B 210 26.54 -14.59 -9.83
CA ARG B 210 26.67 -13.33 -10.56
C ARG B 210 26.66 -13.51 -12.07
N GLN B 211 26.89 -14.73 -12.55
CA GLN B 211 26.86 -15.01 -13.99
C GLN B 211 25.42 -15.04 -14.49
N GLU B 212 24.62 -15.84 -13.82
CA GLU B 212 23.19 -15.92 -14.07
C GLU B 212 22.54 -14.55 -13.93
N LEU B 213 22.97 -13.81 -12.93
CA LEU B 213 22.47 -12.47 -12.65
C LEU B 213 22.83 -11.50 -13.79
N ALA B 214 24.08 -11.57 -14.20
CA ALA B 214 24.58 -10.74 -15.29
C ALA B 214 23.71 -10.96 -16.52
N THR B 215 23.44 -12.24 -16.81
CA THR B 215 22.58 -12.53 -17.93
C THR B 215 21.18 -11.95 -17.74
N MET B 216 20.62 -12.03 -16.54
CA MET B 216 19.29 -11.42 -16.35
C MET B 216 19.28 -9.89 -16.53
N ILE B 217 20.32 -9.23 -16.04
CA ILE B 217 20.50 -7.80 -16.20
C ILE B 217 20.56 -7.46 -17.69
N GLU B 218 21.30 -8.27 -18.43
CA GLU B 218 21.44 -8.07 -19.87
C GLU B 218 20.08 -8.21 -20.54
N ARG B 219 19.31 -9.20 -20.11
CA ARG B 219 17.97 -9.43 -20.65
C ARG B 219 17.06 -8.22 -20.37
N ALA B 220 17.20 -7.62 -19.19
CA ALA B 220 16.42 -6.42 -18.85
C ALA B 220 16.86 -5.20 -19.67
N ALA B 221 18.13 -5.13 -20.02
CA ALA B 221 18.65 -3.98 -20.75
C ALA B 221 18.29 -4.06 -22.23
N SER B 222 17.82 -5.22 -22.68
CA SER B 222 17.58 -5.41 -24.12
C SER B 222 16.37 -4.67 -24.63
N SER C 1 -3.39 4.32 3.18
CA SER C 1 -3.01 5.63 2.68
C SER C 1 -3.60 5.84 1.29
N MET C 2 -3.63 7.07 0.81
CA MET C 2 -4.17 7.33 -0.52
C MET C 2 -3.10 7.09 -1.56
N TYR C 3 -3.41 6.20 -2.51
CA TYR C 3 -2.52 5.88 -3.62
C TYR C 3 -2.49 7.04 -4.64
N VAL C 4 -1.33 7.67 -4.77
CA VAL C 4 -1.16 8.78 -5.70
C VAL C 4 -0.12 8.48 -6.78
N PRO C 5 -0.58 8.31 -8.03
CA PRO C 5 0.36 8.15 -9.15
C PRO C 5 1.34 9.31 -9.15
N GLU C 6 2.58 9.04 -9.50
CA GLU C 6 3.65 10.01 -9.37
C GLU C 6 3.35 11.35 -10.07
N GLN C 7 2.70 11.29 -11.23
CA GLN C 7 2.40 12.50 -11.99
C GLN C 7 1.35 13.40 -11.35
N TYR C 8 0.63 12.89 -10.34
CA TYR C 8 -0.42 13.66 -9.68
C TYR C 8 0.05 14.17 -8.34
N ARG C 9 1.35 14.06 -8.12
CA ARG C 9 1.96 14.56 -6.91
C ARG C 9 2.22 16.07 -7.04
N PRO C 10 2.07 16.81 -5.93
CA PRO C 10 2.29 18.26 -5.94
C PRO C 10 3.74 18.64 -6.25
N ARG C 11 3.91 19.66 -7.11
CA ARG C 11 5.23 20.14 -7.48
C ARG C 11 5.85 20.90 -6.31
N ASP C 12 4.99 21.45 -5.46
CA ASP C 12 5.43 22.23 -4.31
C ASP C 12 4.57 21.90 -3.09
N ALA C 13 5.13 21.97 -1.89
CA ALA C 13 4.38 21.65 -0.67
C ALA C 13 3.32 22.70 -0.37
N SER C 14 3.56 23.88 -0.94
CA SER C 14 2.65 25.00 -0.83
C SER C 14 1.27 24.65 -1.35
N TRP C 15 1.20 23.76 -2.33
CA TRP C 15 -0.09 23.37 -2.86
C TRP C 15 -0.93 22.69 -1.77
N THR C 16 -0.28 21.79 -1.05
CA THR C 16 -0.92 21.02 0.00
C THR C 16 -1.37 21.91 1.14
N LEU C 17 -0.45 22.72 1.66
CA LEU C 17 -0.79 23.59 2.77
C LEU C 17 -1.94 24.54 2.40
N GLU C 18 -1.86 25.09 1.18
CA GLU C 18 -2.88 25.98 0.66
C GLU C 18 -4.24 25.30 0.58
N LEU C 19 -4.25 24.06 0.09
CA LEU C 19 -5.50 23.34 -0.08
C LEU C 19 -6.13 23.13 1.28
N ILE C 20 -5.30 22.80 2.27
CA ILE C 20 -5.78 22.58 3.63
C ILE C 20 -6.44 23.86 4.16
N ARG C 21 -5.76 25.00 4.02
CA ARG C 21 -6.28 26.26 4.54
C ARG C 21 -7.54 26.79 3.84
N SER C 22 -7.59 26.59 2.52
CA SER C 22 -8.72 27.01 1.69
C SER C 22 -9.96 26.15 1.88
N ASN C 23 -9.75 24.89 2.27
CA ASN C 23 -10.87 23.96 2.46
C ASN C 23 -10.76 23.26 3.80
N PRO C 24 -10.87 24.03 4.90
CA PRO C 24 -10.62 23.55 6.27
C PRO C 24 -11.74 22.67 6.86
N LEU C 25 -12.86 22.53 6.16
CA LEU C 25 -13.89 21.60 6.61
C LEU C 25 -13.50 20.24 6.10
N ALA C 26 -12.84 19.47 6.95
CA ALA C 26 -12.31 18.18 6.55
C ALA C 26 -13.22 17.03 6.97
N LEU C 27 -12.97 15.85 6.40
CA LEU C 27 -13.72 14.68 6.81
C LEU C 27 -12.86 13.87 7.76
N LEU C 28 -13.32 13.78 9.00
CA LEU C 28 -12.63 13.02 10.05
C LEU C 28 -13.15 11.58 10.00
N VAL C 29 -12.22 10.67 9.78
CA VAL C 29 -12.52 9.28 9.50
C VAL C 29 -11.75 8.37 10.47
N THR C 30 -12.50 7.55 11.21
CA THR C 30 -11.89 6.56 12.12
C THR C 30 -12.52 5.19 11.94
N ASN C 31 -11.81 4.14 12.36
CA ASN C 31 -12.35 2.79 12.26
C ASN C 31 -13.61 2.67 13.15
N GLY C 32 -14.56 1.87 12.70
CA GLY C 32 -15.76 1.62 13.46
C GLY C 32 -16.27 0.21 13.24
N PRO C 33 -17.32 -0.19 13.94
CA PRO C 33 -17.83 -1.56 13.74
C PRO C 33 -18.43 -1.71 12.35
N GLN C 34 -17.93 -2.70 11.60
CA GLN C 34 -18.36 -3.07 10.24
C GLN C 34 -17.90 -2.06 9.16
N HIS C 35 -17.87 -0.77 9.47
CA HIS C 35 -17.37 0.22 8.53
C HIS C 35 -16.92 1.46 9.32
N PRO C 36 -16.27 2.43 8.66
CA PRO C 36 -15.77 3.56 9.48
C PRO C 36 -16.81 4.59 9.92
N TRP C 37 -16.39 5.39 10.89
CA TRP C 37 -17.00 6.64 11.30
C TRP C 37 -16.47 7.79 10.41
N ALA C 38 -17.36 8.69 10.01
CA ALA C 38 -17.00 9.84 9.20
C ALA C 38 -17.81 11.06 9.59
N THR C 39 -17.13 12.14 9.97
CA THR C 39 -17.83 13.36 10.35
C THR C 39 -17.15 14.56 9.70
N HIS C 40 -17.95 15.50 9.19
CA HIS C 40 -17.38 16.73 8.65
C HIS C 40 -17.09 17.70 9.79
N VAL C 41 -15.82 18.08 9.93
CA VAL C 41 -15.39 18.90 11.06
C VAL C 41 -14.52 20.10 10.65
N PRO C 42 -14.63 21.22 11.40
CA PRO C 42 -13.85 22.43 11.14
C PRO C 42 -12.48 22.31 11.79
N VAL C 43 -11.45 22.30 10.96
CA VAL C 43 -10.09 22.06 11.41
C VAL C 43 -9.19 23.28 11.19
N LEU C 44 -8.09 23.38 11.92
CA LEU C 44 -7.11 24.45 11.67
C LEU C 44 -5.73 24.06 12.22
N PHE C 45 -4.66 24.61 11.65
CA PHE C 45 -3.33 24.32 12.20
C PHE C 45 -3.20 24.98 13.55
N ALA C 46 -2.49 24.32 14.45
CA ALA C 46 -2.26 24.85 15.79
C ALA C 46 -1.20 25.95 15.88
N GLU C 47 -0.41 26.13 14.82
CA GLU C 47 0.74 27.07 14.81
C GLU C 47 1.23 27.56 16.18
N ASP C 63 5.73 15.02 4.49
CA ASP C 63 5.61 16.47 4.37
C ASP C 63 6.50 17.20 5.39
N ASP C 64 6.60 18.52 5.21
CA ASP C 64 7.10 19.40 6.26
C ASP C 64 5.96 19.66 7.25
N LEU C 65 4.81 19.04 6.97
CA LEU C 65 3.65 19.10 7.85
C LEU C 65 3.72 18.01 8.93
N VAL C 66 4.47 16.94 8.66
CA VAL C 66 4.61 15.85 9.63
C VAL C 66 5.15 16.41 10.94
N GLY C 67 4.47 16.09 12.04
CA GLY C 67 4.78 16.65 13.34
C GLY C 67 3.99 17.90 13.71
N ARG C 68 3.36 18.54 12.73
CA ARG C 68 2.48 19.66 13.03
C ARG C 68 1.18 19.09 13.59
N ARG C 69 0.34 19.95 14.18
CA ARG C 69 -0.90 19.49 14.79
C ARG C 69 -2.13 20.17 14.22
N LEU C 70 -3.14 19.38 13.90
CA LEU C 70 -4.39 19.91 13.39
C LEU C 70 -5.40 19.83 14.52
N LEU C 71 -6.10 20.94 14.79
CA LEU C 71 -7.08 20.99 15.86
C LEU C 71 -8.46 21.08 15.26
N GLY C 72 -9.46 20.53 15.95
CA GLY C 72 -10.83 20.59 15.44
C GLY C 72 -11.87 20.48 16.53
N HIS C 73 -13.13 20.74 16.19
CA HIS C 73 -14.19 20.49 17.15
C HIS C 73 -15.43 19.90 16.50
N LEU C 74 -16.31 19.37 17.35
CA LEU C 74 -17.53 18.72 16.94
C LEU C 74 -18.57 18.71 18.07
N ASN C 75 -19.77 18.28 17.74
CA ASN C 75 -20.87 18.23 18.68
C ASN C 75 -20.67 17.14 19.72
N LEU C 76 -20.76 17.53 20.99
CA LEU C 76 -20.69 16.59 22.11
C LEU C 76 -21.70 15.47 21.93
N MET C 77 -22.87 15.81 21.39
CA MET C 77 -23.94 14.84 21.22
C MET C 77 -23.77 14.00 19.96
N ASN C 78 -22.76 14.28 19.15
CA ASN C 78 -22.44 13.42 18.01
C ASN C 78 -21.83 12.11 18.52
N PRO C 79 -22.43 10.96 18.18
CA PRO C 79 -21.91 9.66 18.63
C PRO C 79 -20.46 9.43 18.23
N HIS C 80 -19.99 10.09 17.15
CA HIS C 80 -18.60 9.99 16.71
C HIS C 80 -17.64 10.43 17.81
N TRP C 81 -18.02 11.46 18.56
CA TRP C 81 -17.23 11.89 19.72
C TRP C 81 -17.02 10.75 20.75
N GLU C 82 -18.09 10.01 21.07
CA GLU C 82 -18.00 8.86 22.02
C GLU C 82 -17.09 7.81 21.39
N ALA C 83 -17.24 7.60 20.08
CA ALA C 83 -16.40 6.65 19.37
C ALA C 83 -14.91 6.99 19.33
N LEU C 84 -14.58 8.28 19.40
CA LEU C 84 -13.20 8.72 19.28
C LEU C 84 -12.32 8.24 20.41
N ALA C 85 -12.92 8.04 21.59
CA ALA C 85 -12.19 7.48 22.70
C ALA C 85 -11.82 6.06 22.31
N GLY C 86 -10.57 5.68 22.50
CA GLY C 86 -10.20 4.36 22.06
C GLY C 86 -9.75 4.29 20.60
N ALA C 87 -9.75 5.43 19.94
CA ALA C 87 -9.21 5.47 18.59
C ALA C 87 -7.86 6.15 18.75
N GLY C 88 -6.79 5.42 18.47
CA GLY C 88 -5.44 5.96 18.58
C GLY C 88 -5.04 6.83 17.41
N HIS C 89 -5.55 6.50 16.23
CA HIS C 89 -5.20 7.23 15.02
C HIS C 89 -6.43 7.55 14.18
N ALA C 90 -6.28 8.57 13.34
CA ALA C 90 -7.37 9.04 12.51
C ALA C 90 -6.87 9.56 11.19
N LEU C 91 -7.82 9.72 10.29
CA LEU C 91 -7.58 10.32 8.99
C LEU C 91 -8.42 11.58 8.82
N LEU C 92 -7.82 12.64 8.26
CA LEU C 92 -8.55 13.84 7.89
C LEU C 92 -8.45 14.01 6.37
N VAL C 93 -9.58 14.06 5.68
CA VAL C 93 -9.60 14.26 4.23
C VAL C 93 -10.07 15.66 3.84
N PHE C 94 -9.20 16.36 3.12
CA PHE C 94 -9.48 17.69 2.60
C PHE C 94 -9.73 17.59 1.12
N GLN C 95 -10.77 18.25 0.61
CA GLN C 95 -10.98 18.30 -0.83
C GLN C 95 -11.08 19.73 -1.38
N GLY C 96 -10.38 19.97 -2.49
CA GLY C 96 -10.46 21.25 -3.18
C GLY C 96 -11.27 21.15 -4.44
N PRO C 97 -11.07 22.08 -5.38
CA PRO C 97 -11.83 22.07 -6.61
C PRO C 97 -11.60 20.79 -7.40
N GLY C 98 -12.62 20.40 -8.16
CA GLY C 98 -12.53 19.21 -8.99
C GLY C 98 -13.64 19.24 -10.02
N SER C 99 -13.53 18.44 -11.07
CA SER C 99 -14.56 18.41 -12.07
C SER C 99 -14.43 17.22 -13.00
N TYR C 100 -15.55 16.82 -13.59
CA TYR C 100 -15.54 15.83 -14.65
C TYR C 100 -14.82 16.39 -15.89
N VAL C 101 -14.04 15.56 -16.56
CA VAL C 101 -13.34 15.94 -17.79
C VAL C 101 -13.78 15.03 -18.93
N SER C 102 -14.60 15.61 -19.81
CA SER C 102 -15.13 14.95 -20.99
C SER C 102 -14.15 14.97 -22.17
N PRO C 103 -14.03 13.84 -22.88
CA PRO C 103 -13.06 13.75 -23.97
C PRO C 103 -13.31 14.78 -25.08
N THR C 104 -14.51 15.35 -25.12
CA THR C 104 -14.84 16.37 -26.10
C THR C 104 -13.85 17.52 -26.02
N VAL C 105 -13.48 17.86 -24.79
CA VAL C 105 -12.53 18.90 -24.51
C VAL C 105 -11.15 18.57 -25.11
N TYR C 106 -10.77 17.30 -25.09
CA TYR C 106 -9.48 16.91 -25.62
C TYR C 106 -9.39 17.15 -27.12
N GLU C 107 -10.51 16.94 -27.83
CA GLU C 107 -10.56 17.04 -29.29
C GLU C 107 -9.65 15.98 -29.84
N THR C 108 -9.61 14.87 -29.13
CA THR C 108 -8.69 13.79 -29.43
C THR C 108 -9.43 12.44 -29.52
N ALA C 109 -8.81 11.49 -30.21
CA ALA C 109 -9.36 10.16 -30.33
C ALA C 109 -8.26 9.13 -30.58
N PRO C 110 -8.35 7.97 -29.92
CA PRO C 110 -9.40 7.62 -28.96
C PRO C 110 -9.12 8.24 -27.61
N ALA C 111 -10.08 8.18 -26.69
CA ALA C 111 -9.87 8.71 -25.36
C ALA C 111 -10.76 8.04 -24.34
N ALA C 112 -10.55 8.43 -23.08
CA ALA C 112 -11.42 8.02 -22.01
C ALA C 112 -11.66 9.25 -21.13
N PRO C 113 -12.88 9.39 -20.59
CA PRO C 113 -13.07 10.55 -19.70
C PRO C 113 -12.34 10.37 -18.40
N THR C 114 -12.23 11.43 -17.61
CA THR C 114 -11.69 11.23 -16.27
C THR C 114 -12.22 12.29 -15.33
N TRP C 115 -11.72 12.32 -14.10
CA TRP C 115 -12.12 13.33 -13.15
C TRP C 115 -10.86 14.02 -12.66
N ASP C 116 -10.84 15.34 -12.75
CA ASP C 116 -9.71 16.08 -12.24
C ASP C 116 -10.10 16.50 -10.85
N PHE C 117 -9.26 16.26 -9.86
CA PHE C 117 -9.66 16.67 -8.52
C PHE C 117 -8.44 16.87 -7.65
N THR C 118 -8.67 17.48 -6.50
CA THR C 118 -7.61 17.83 -5.58
C THR C 118 -7.99 17.39 -4.17
N SER C 119 -7.07 16.70 -3.52
CA SER C 119 -7.38 16.18 -2.21
C SER C 119 -6.14 15.94 -1.39
N VAL C 120 -6.28 16.10 -0.09
CA VAL C 120 -5.20 15.81 0.81
C VAL C 120 -5.69 14.91 1.95
N HIS C 121 -5.04 13.77 2.14
CA HIS C 121 -5.35 12.89 3.26
C HIS C 121 -4.24 12.98 4.28
N VAL C 122 -4.57 13.48 5.46
CA VAL C 122 -3.64 13.57 6.57
C VAL C 122 -3.90 12.38 7.52
N HIS C 123 -2.84 11.64 7.84
CA HIS C 123 -2.84 10.55 8.82
C HIS C 123 -2.22 11.05 10.12
N GLY C 124 -2.85 10.80 11.25
CA GLY C 124 -2.23 11.19 12.51
C GLY C 124 -2.68 10.53 13.80
N ALA C 125 -1.93 10.77 14.88
CA ALA C 125 -2.31 10.28 16.19
C ALA C 125 -3.36 11.19 16.77
N LEU C 126 -4.38 10.60 17.38
CA LEU C 126 -5.54 11.33 17.85
C LEU C 126 -5.47 11.62 19.34
N ARG C 127 -5.78 12.85 19.73
CA ARG C 127 -5.84 13.22 21.13
C ARG C 127 -7.14 13.97 21.35
N LEU C 128 -7.80 13.68 22.46
CA LEU C 128 -9.11 14.25 22.72
C LEU C 128 -9.03 15.42 23.68
N ILE C 129 -9.83 16.45 23.40
CA ILE C 129 -9.85 17.67 24.19
C ILE C 129 -11.23 17.92 24.80
N ASP C 130 -11.32 17.94 26.14
CA ASP C 130 -12.58 18.24 26.82
C ASP C 130 -12.45 19.35 27.86
N ASP C 131 -11.25 19.87 28.07
CA ASP C 131 -11.09 21.02 28.95
C ASP C 131 -11.73 22.25 28.31
N PRO C 132 -12.64 22.92 29.04
CA PRO C 132 -13.36 24.10 28.56
C PRO C 132 -12.44 25.24 28.11
N ASP C 133 -11.31 25.45 28.80
CA ASP C 133 -10.36 26.48 28.38
C ASP C 133 -9.75 26.15 27.00
N ASP C 134 -9.35 24.90 26.82
CA ASP C 134 -8.78 24.46 25.55
C ASP C 134 -9.79 24.55 24.42
N LEU C 135 -11.04 24.25 24.73
CA LEU C 135 -12.10 24.35 23.74
C LEU C 135 -12.35 25.81 23.36
N ARG C 136 -12.30 26.69 24.35
CA ARG C 136 -12.47 28.12 24.11
C ARG C 136 -11.41 28.59 23.13
N LYS C 137 -10.16 28.22 23.41
CA LYS C 137 -9.06 28.60 22.53
C LYS C 137 -9.27 28.05 21.12
N ILE C 138 -9.70 26.79 21.03
CA ILE C 138 -9.88 26.20 19.71
C ILE C 138 -10.94 26.95 18.90
N VAL C 139 -12.11 27.18 19.47
CA VAL C 139 -13.19 27.80 18.71
C VAL C 139 -12.88 29.26 18.34
N GLN C 140 -12.28 30.01 19.27
CA GLN C 140 -11.91 31.37 18.97
C GLN C 140 -10.86 31.41 17.84
N ALA C 141 -9.89 30.49 17.92
CA ALA C 141 -8.84 30.39 16.92
C ALA C 141 -9.41 30.04 15.55
N THR C 142 -10.40 29.15 15.55
CA THR C 142 -11.07 28.78 14.31
C THR C 142 -11.74 30.00 13.69
N VAL C 143 -12.46 30.77 14.51
CA VAL C 143 -13.09 31.98 14.02
C VAL C 143 -12.05 32.92 13.41
N ARG C 144 -10.95 33.19 14.12
CA ARG C 144 -9.93 34.09 13.57
C ARG C 144 -9.32 33.60 12.25
N ALA C 145 -8.93 32.33 12.23
CA ALA C 145 -8.26 31.76 11.07
C ALA C 145 -9.18 31.78 9.86
N TYR C 146 -10.45 31.39 10.05
CA TYR C 146 -11.37 31.35 8.92
C TYR C 146 -11.70 32.79 8.48
N GLU C 147 -11.90 33.69 9.43
CA GLU C 147 -12.22 35.07 9.10
C GLU C 147 -11.13 35.68 8.24
N ARG C 148 -9.87 35.42 8.57
CA ARG C 148 -8.80 35.89 7.70
C ARG C 148 -8.72 35.16 6.38
N GLU C 149 -8.81 33.85 6.40
CA GLU C 149 -8.65 33.04 5.19
C GLU C 149 -9.88 33.11 4.28
N VAL C 150 -11.02 32.62 4.75
CA VAL C 150 -12.19 32.44 3.90
C VAL C 150 -13.29 33.48 4.16
N GLY C 151 -13.01 34.38 5.11
CA GLY C 151 -14.04 35.29 5.62
C GLY C 151 -14.05 36.76 5.23
N THR C 152 -14.65 37.55 6.11
CA THR C 152 -14.86 38.98 5.91
C THR C 152 -14.24 39.83 7.03
N ASP C 153 -13.27 39.25 7.74
CA ASP C 153 -12.63 39.91 8.88
C ASP C 153 -13.64 40.32 9.96
N TRP C 154 -14.61 39.45 10.22
CA TRP C 154 -15.62 39.70 11.24
C TRP C 154 -15.07 39.72 12.67
N ASP C 155 -15.62 40.63 13.48
CA ASP C 155 -15.16 40.83 14.86
C ASP C 155 -16.07 40.12 15.86
N MET C 156 -15.51 39.18 16.60
CA MET C 156 -16.28 38.32 17.50
C MET C 156 -16.39 38.84 18.92
N SER C 157 -15.83 40.02 19.16
CA SER C 157 -15.77 40.59 20.51
C SER C 157 -17.14 40.65 21.15
N GLU C 158 -18.13 41.12 20.39
CA GLU C 158 -19.48 41.25 20.91
C GLU C 158 -20.16 39.89 21.04
N SER C 159 -19.55 38.85 20.49
CA SER C 159 -20.19 37.54 20.54
C SER C 159 -19.52 36.56 21.51
N LEU C 160 -18.46 36.99 22.18
CA LEU C 160 -17.72 36.10 23.07
C LEU C 160 -18.61 35.54 24.17
N GLU C 161 -19.47 36.39 24.71
CA GLU C 161 -20.40 35.99 25.75
C GLU C 161 -21.26 34.85 25.23
N TYR C 162 -21.73 35.01 24.00
CA TYR C 162 -22.56 34.00 23.36
C TYR C 162 -21.76 32.69 23.21
N PHE C 163 -20.47 32.81 22.88
CA PHE C 163 -19.62 31.65 22.69
C PHE C 163 -19.67 30.83 23.99
N GLU C 164 -19.64 31.53 25.12
CA GLU C 164 -19.61 30.85 26.41
C GLU C 164 -20.86 30.00 26.59
N ARG C 165 -22.03 30.54 26.25
CA ARG C 165 -23.26 29.75 26.37
C ARG C 165 -23.22 28.53 25.46
N LEU C 166 -22.56 28.64 24.32
CA LEU C 166 -22.47 27.50 23.42
C LEU C 166 -21.47 26.47 23.91
N LEU C 167 -20.48 26.95 24.66
CA LEU C 167 -19.27 26.16 24.94
C LEU C 167 -19.48 24.77 25.60
N PRO C 168 -20.43 24.62 26.54
CA PRO C 168 -20.55 23.28 27.12
C PRO C 168 -20.98 22.20 26.10
N GLY C 169 -21.49 22.61 24.95
CA GLY C 169 -21.98 21.69 23.95
C GLY C 169 -20.95 21.24 22.91
N VAL C 170 -19.72 21.70 23.05
CA VAL C 170 -18.70 21.39 22.06
C VAL C 170 -17.56 20.56 22.63
N ARG C 171 -17.02 19.67 21.79
CA ARG C 171 -15.85 18.88 22.16
C ARG C 171 -14.81 18.98 21.07
N GLY C 172 -13.57 18.67 21.39
CA GLY C 172 -12.50 18.88 20.44
C GLY C 172 -11.49 17.76 20.33
N PHE C 173 -10.63 17.89 19.33
CA PHE C 173 -9.62 16.88 19.12
C PHE C 173 -8.38 17.51 18.51
N GLU C 174 -7.27 16.81 18.69
CA GLU C 174 -6.01 17.17 18.11
C GLU C 174 -5.42 15.98 17.36
N ILE C 175 -4.88 16.22 16.18
CA ILE C 175 -4.20 15.20 15.42
C ILE C 175 -2.76 15.60 15.16
N LYS C 176 -1.82 14.82 15.68
CA LYS C 176 -0.42 15.07 15.42
C LYS C 176 -0.11 14.36 14.12
N ILE C 177 0.19 15.15 13.09
CA ILE C 177 0.33 14.63 11.75
C ILE C 177 1.50 13.68 11.65
N GLU C 178 1.24 12.46 11.18
CA GLU C 178 2.31 11.48 11.02
C GLU C 178 2.61 11.24 9.52
N SER C 179 1.62 11.44 8.66
CA SER C 179 1.84 11.31 7.23
C SER C 179 0.80 12.12 6.45
N VAL C 180 1.16 12.54 5.24
CA VAL C 180 0.27 13.29 4.35
C VAL C 180 0.34 12.80 2.89
N ASP C 181 -0.79 12.40 2.32
CA ASP C 181 -0.86 12.05 0.90
C ASP C 181 -1.54 13.21 0.16
N SER C 182 -0.94 13.65 -0.94
CA SER C 182 -1.47 14.77 -1.73
C SER C 182 -1.78 14.38 -3.16
N MET C 183 -3.05 14.46 -3.50
CA MET C 183 -3.50 14.11 -4.84
C MET C 183 -3.87 15.38 -5.60
N PHE C 184 -3.07 15.72 -6.60
CA PHE C 184 -3.41 16.88 -7.45
C PHE C 184 -3.56 16.39 -8.89
N LYS C 185 -4.72 15.79 -9.14
CA LYS C 185 -5.02 15.20 -10.41
C LYS C 185 -5.53 16.30 -11.33
N LEU C 186 -4.60 16.86 -12.10
CA LEU C 186 -4.82 18.06 -12.89
C LEU C 186 -4.43 17.88 -14.35
N SER C 187 -4.81 16.72 -14.90
CA SER C 187 -4.63 16.41 -16.32
C SER C 187 -3.15 16.35 -16.76
N GLN C 188 -2.22 16.15 -15.84
CA GLN C 188 -0.81 16.13 -16.22
C GLN C 188 -0.46 14.96 -17.16
N GLU C 189 -1.32 13.94 -17.20
CA GLU C 189 -1.08 12.80 -18.09
C GLU C 189 -1.37 13.13 -19.56
N GLN C 190 -1.93 14.32 -19.81
CA GLN C 190 -2.21 14.74 -21.19
C GLN C 190 -1.06 15.54 -21.81
N LEU C 191 -1.10 15.63 -23.12
CA LEU C 191 -0.17 16.47 -23.84
C LEU C 191 -0.45 17.92 -23.44
N PRO C 192 0.60 18.75 -23.40
CA PRO C 192 0.52 20.17 -23.07
C PRO C 192 -0.53 20.91 -23.91
N GLU C 193 -0.62 20.61 -25.21
CA GLU C 193 -1.64 21.27 -26.03
C GLU C 193 -3.04 20.90 -25.53
N THR C 194 -3.20 19.63 -25.20
CA THR C 194 -4.47 19.13 -24.68
C THR C 194 -4.79 19.77 -23.34
N VAL C 195 -3.78 19.87 -22.48
CA VAL C 195 -3.97 20.49 -21.19
C VAL C 195 -4.41 21.97 -21.38
N THR C 196 -3.82 22.64 -22.37
CA THR C 196 -4.22 24.00 -22.69
C THR C 196 -5.72 24.02 -23.02
N LYS C 197 -6.15 23.07 -23.84
CA LYS C 197 -7.59 22.98 -24.12
C LYS C 197 -8.46 22.73 -22.87
N VAL C 198 -8.00 21.87 -21.95
CA VAL C 198 -8.79 21.62 -20.74
C VAL C 198 -8.93 22.88 -19.89
N ILE C 199 -7.81 23.58 -19.71
CA ILE C 199 -7.81 24.84 -18.99
C ILE C 199 -8.80 25.82 -19.61
N ASP C 200 -8.70 25.96 -20.92
CA ASP C 200 -9.58 26.89 -21.65
C ASP C 200 -11.05 26.50 -21.56
N SER C 201 -11.34 25.20 -21.60
CA SER C 201 -12.71 24.71 -21.51
C SER C 201 -13.27 25.05 -20.15
N PHE C 202 -12.42 24.96 -19.15
CA PHE C 202 -12.84 25.28 -17.79
C PHE C 202 -13.03 26.77 -17.59
N ARG C 203 -12.19 27.57 -18.23
CA ARG C 203 -12.34 29.01 -18.10
C ARG C 203 -13.56 29.52 -18.86
N ARG C 204 -13.93 28.85 -19.95
CA ARG C 204 -15.10 29.25 -20.76
C ARG C 204 -16.41 28.70 -20.21
N SER C 205 -16.31 27.84 -19.19
CA SER C 205 -17.48 27.18 -18.62
C SER C 205 -17.90 27.79 -17.29
N ASP C 206 -19.20 27.75 -17.04
CA ASP C 206 -19.77 28.25 -15.79
C ASP C 206 -18.99 27.81 -14.55
N ARG C 210 -15.48 26.48 -12.41
CA ARG C 210 -14.28 25.69 -12.62
C ARG C 210 -13.08 26.59 -12.89
N GLN C 211 -13.18 27.83 -12.45
CA GLN C 211 -12.13 28.81 -12.60
C GLN C 211 -10.94 28.47 -11.66
N GLU C 212 -11.21 28.20 -10.38
CA GLU C 212 -10.15 27.82 -9.43
C GLU C 212 -9.40 26.55 -9.87
N LEU C 213 -10.14 25.60 -10.42
CA LEU C 213 -9.56 24.37 -10.94
C LEU C 213 -8.68 24.64 -12.17
N ALA C 214 -9.20 25.45 -13.10
CA ALA C 214 -8.48 25.81 -14.31
C ALA C 214 -7.15 26.45 -13.92
N THR C 215 -7.21 27.31 -12.91
CA THR C 215 -6.01 27.92 -12.37
C THR C 215 -5.04 26.89 -11.75
N MET C 216 -5.57 25.90 -11.04
CA MET C 216 -4.69 24.89 -10.46
C MET C 216 -4.01 24.04 -11.53
N ILE C 217 -4.77 23.69 -12.57
CA ILE C 217 -4.25 22.96 -13.73
C ILE C 217 -3.13 23.74 -14.42
N GLU C 218 -3.36 25.03 -14.63
CA GLU C 218 -2.37 25.90 -15.24
C GLU C 218 -1.12 25.92 -14.36
N ARG C 219 -1.31 25.99 -13.04
CA ARG C 219 -0.18 25.99 -12.12
C ARG C 219 0.65 24.71 -12.21
N ALA C 220 -0.02 23.58 -12.35
CA ALA C 220 0.70 22.31 -12.47
C ALA C 220 1.43 22.25 -13.82
N ALA C 221 0.84 22.89 -14.82
CA ALA C 221 1.34 22.88 -16.19
C ALA C 221 2.48 23.87 -16.49
N SER C 222 2.75 24.80 -15.58
CA SER C 222 3.71 25.87 -15.87
C SER C 222 5.15 25.38 -15.78
N SER D 1 -22.40 6.26 11.70
CA SER D 1 -23.22 6.91 10.70
C SER D 1 -23.07 8.41 10.89
N MET D 2 -23.49 9.18 9.90
CA MET D 2 -23.37 10.62 10.05
C MET D 2 -24.57 11.20 10.82
N TYR D 3 -24.21 11.88 11.90
CA TYR D 3 -25.15 12.56 12.75
C TYR D 3 -25.73 13.80 12.04
N VAL D 4 -27.03 13.80 11.77
CA VAL D 4 -27.64 14.96 11.13
C VAL D 4 -28.68 15.57 12.03
N PRO D 5 -28.43 16.79 12.52
CA PRO D 5 -29.47 17.52 13.27
C PRO D 5 -30.73 17.54 12.41
N GLU D 6 -31.90 17.39 13.04
CA GLU D 6 -33.16 17.22 12.32
C GLU D 6 -33.44 18.32 11.31
N GLN D 7 -33.03 19.54 11.64
CA GLN D 7 -33.26 20.69 10.80
C GLN D 7 -32.45 20.66 9.50
N TYR D 8 -31.47 19.76 9.43
CA TYR D 8 -30.64 19.67 8.26
C TYR D 8 -30.97 18.44 7.42
N ARG D 9 -32.10 17.80 7.73
CA ARG D 9 -32.49 16.65 6.93
C ARG D 9 -33.18 17.11 5.66
N PRO D 10 -32.97 16.38 4.55
CA PRO D 10 -33.59 16.76 3.29
C PRO D 10 -35.11 16.69 3.37
N ARG D 11 -35.78 17.70 2.84
CA ARG D 11 -37.25 17.73 2.80
C ARG D 11 -37.80 16.78 1.74
N ASP D 12 -36.97 16.50 0.73
CA ASP D 12 -37.33 15.58 -0.35
C ASP D 12 -36.16 14.65 -0.67
N ALA D 13 -36.45 13.41 -1.05
CA ALA D 13 -35.39 12.42 -1.34
C ALA D 13 -34.62 12.77 -2.61
N SER D 14 -35.29 13.54 -3.45
CA SER D 14 -34.72 14.00 -4.68
C SER D 14 -33.43 14.76 -4.42
N TRP D 15 -33.34 15.41 -3.26
CA TRP D 15 -32.12 16.13 -2.92
C TRP D 15 -30.94 15.16 -2.84
N THR D 16 -31.17 14.03 -2.18
CA THR D 16 -30.18 13.00 -2.00
C THR D 16 -29.76 12.37 -3.33
N LEU D 17 -30.75 11.93 -4.10
CA LEU D 17 -30.46 11.29 -5.38
C LEU D 17 -29.70 12.22 -6.30
N GLU D 18 -30.17 13.45 -6.36
CA GLU D 18 -29.55 14.47 -7.20
C GLU D 18 -28.14 14.72 -6.78
N LEU D 19 -27.92 14.80 -5.46
CA LEU D 19 -26.59 15.13 -4.98
C LEU D 19 -25.64 14.00 -5.40
N ILE D 20 -26.08 12.76 -5.26
CA ILE D 20 -25.26 11.63 -5.63
C ILE D 20 -24.92 11.68 -7.14
N ARG D 21 -25.93 11.90 -7.97
CA ARG D 21 -25.77 11.90 -9.42
C ARG D 21 -24.89 13.06 -9.89
N SER D 22 -25.06 14.19 -9.23
CA SER D 22 -24.33 15.42 -9.54
C SER D 22 -22.86 15.33 -9.13
N ASN D 23 -22.57 14.55 -8.09
CA ASN D 23 -21.23 14.42 -7.53
C ASN D 23 -20.80 12.97 -7.33
N PRO D 24 -20.71 12.23 -8.44
CA PRO D 24 -20.54 10.78 -8.44
C PRO D 24 -19.12 10.33 -8.08
N LEU D 25 -18.19 11.28 -7.92
CA LEU D 25 -16.87 10.93 -7.41
C LEU D 25 -16.93 10.87 -5.89
N ALA D 26 -17.15 9.68 -5.36
CA ALA D 26 -17.36 9.49 -3.93
C ALA D 26 -16.08 9.09 -3.26
N LEU D 27 -16.07 9.17 -1.94
CA LEU D 27 -14.95 8.69 -1.15
C LEU D 27 -15.34 7.34 -0.57
N LEU D 28 -14.63 6.31 -1.02
CA LEU D 28 -14.83 4.94 -0.59
C LEU D 28 -13.99 4.68 0.65
N VAL D 29 -14.66 4.38 1.74
CA VAL D 29 -14.01 4.32 3.03
C VAL D 29 -14.31 2.98 3.66
N THR D 30 -13.24 2.25 4.01
CA THR D 30 -13.39 0.96 4.69
C THR D 30 -12.41 0.90 5.87
N ASN D 31 -12.69 0.05 6.88
CA ASN D 31 -11.81 -0.10 8.04
C ASN D 31 -10.43 -0.61 7.61
N GLY D 32 -9.41 -0.16 8.32
CA GLY D 32 -8.05 -0.58 8.05
C GLY D 32 -7.21 -0.63 9.30
N PRO D 33 -5.96 -1.09 9.17
CA PRO D 33 -5.14 -1.11 10.38
C PRO D 33 -4.84 0.32 10.86
N GLN D 34 -5.17 0.60 12.12
CA GLN D 34 -4.92 1.88 12.81
C GLN D 34 -5.84 3.02 12.38
N HIS D 35 -6.21 3.05 11.10
CA HIS D 35 -7.16 4.03 10.60
C HIS D 35 -7.76 3.47 9.31
N PRO D 36 -8.80 4.11 8.78
CA PRO D 36 -9.40 3.52 7.57
C PRO D 36 -8.64 3.76 6.27
N TRP D 37 -9.04 3.00 5.25
CA TRP D 37 -8.72 3.18 3.84
C TRP D 37 -9.71 4.16 3.25
N ALA D 38 -9.22 5.04 2.38
CA ALA D 38 -10.05 6.03 1.75
C ALA D 38 -9.61 6.26 0.31
N THR D 39 -10.52 6.05 -0.66
CA THR D 39 -10.17 6.27 -2.07
C THR D 39 -11.24 7.05 -2.83
N HIS D 40 -10.83 8.00 -3.65
CA HIS D 40 -11.79 8.71 -4.47
C HIS D 40 -12.14 7.88 -5.70
N VAL D 41 -13.40 7.48 -5.81
CA VAL D 41 -13.82 6.56 -6.87
C VAL D 41 -15.06 7.03 -7.60
N PRO D 42 -15.12 6.71 -8.89
CA PRO D 42 -16.28 7.08 -9.71
C PRO D 42 -17.38 6.03 -9.61
N VAL D 43 -18.52 6.38 -9.01
CA VAL D 43 -19.60 5.41 -8.82
C VAL D 43 -20.82 5.82 -9.62
N LEU D 44 -21.74 4.87 -9.81
CA LEU D 44 -23.01 5.14 -10.50
C LEU D 44 -24.10 4.12 -10.10
N PHE D 45 -25.36 4.52 -10.22
CA PHE D 45 -26.45 3.59 -9.90
C PHE D 45 -26.58 2.50 -10.95
N ALA D 46 -26.93 1.30 -10.49
CA ALA D 46 -27.12 0.13 -11.35
C ALA D 46 -28.45 0.12 -12.11
N GLU D 47 -29.55 0.35 -11.39
CA GLU D 47 -30.93 0.31 -11.93
C GLU D 47 -31.39 -1.09 -12.35
N ASP D 64 -35.53 4.37 0.90
CA ASP D 64 -35.93 4.63 -0.48
C ASP D 64 -34.81 4.28 -1.48
N LEU D 65 -33.58 4.55 -1.10
CA LEU D 65 -32.44 4.07 -1.87
C LEU D 65 -32.03 2.69 -1.36
N VAL D 66 -32.47 2.38 -0.14
CA VAL D 66 -32.10 1.13 0.51
C VAL D 66 -32.47 -0.06 -0.38
N GLY D 67 -31.51 -0.95 -0.60
CA GLY D 67 -31.69 -2.08 -1.50
C GLY D 67 -31.22 -1.84 -2.92
N ARG D 68 -31.02 -0.59 -3.31
CA ARG D 68 -30.46 -0.27 -4.61
C ARG D 68 -28.95 -0.52 -4.56
N ARG D 69 -28.31 -0.54 -5.73
CA ARG D 69 -26.89 -0.87 -5.80
C ARG D 69 -26.05 0.20 -6.50
N LEU D 70 -24.92 0.52 -5.87
CA LEU D 70 -23.97 1.45 -6.45
C LEU D 70 -22.81 0.65 -7.00
N LEU D 71 -22.40 0.97 -8.23
CA LEU D 71 -21.29 0.29 -8.86
C LEU D 71 -20.15 1.27 -8.91
N GLY D 72 -18.92 0.78 -8.88
CA GLY D 72 -17.76 1.66 -8.97
C GLY D 72 -16.55 0.93 -9.51
N HIS D 73 -15.49 1.67 -9.83
CA HIS D 73 -14.24 1.04 -10.20
C HIS D 73 -13.03 1.79 -9.66
N LEU D 74 -11.88 1.13 -9.67
CA LEU D 74 -10.61 1.70 -9.20
C LEU D 74 -9.42 0.95 -9.79
N ASN D 75 -8.24 1.48 -9.51
CA ASN D 75 -6.99 0.92 -10.00
C ASN D 75 -6.65 -0.42 -9.35
N LEU D 76 -6.40 -1.42 -10.20
CA LEU D 76 -5.97 -2.73 -9.74
C LEU D 76 -4.73 -2.65 -8.86
N MET D 77 -3.84 -1.70 -9.17
CA MET D 77 -2.60 -1.51 -8.44
C MET D 77 -2.76 -0.67 -7.19
N ASN D 78 -3.96 -0.15 -6.97
CA ASN D 78 -4.26 0.55 -5.72
C ASN D 78 -4.36 -0.48 -4.60
N PRO D 79 -3.54 -0.35 -3.53
CA PRO D 79 -3.55 -1.30 -2.42
C PRO D 79 -4.93 -1.41 -1.74
N HIS D 80 -5.75 -0.37 -1.87
CA HIS D 80 -7.09 -0.43 -1.35
C HIS D 80 -7.87 -1.59 -1.98
N TRP D 81 -7.62 -1.85 -3.25
CA TRP D 81 -8.29 -2.96 -3.93
C TRP D 81 -8.01 -4.27 -3.19
N GLU D 82 -6.76 -4.48 -2.80
CA GLU D 82 -6.42 -5.68 -2.05
C GLU D 82 -7.12 -5.68 -0.69
N ALA D 83 -7.12 -4.52 -0.03
CA ALA D 83 -7.77 -4.40 1.26
C ALA D 83 -9.27 -4.69 1.22
N LEU D 84 -9.89 -4.44 0.08
CA LEU D 84 -11.35 -4.59 -0.05
C LEU D 84 -11.79 -6.03 0.14
N ALA D 85 -10.87 -6.96 -0.08
CA ALA D 85 -11.21 -8.38 0.10
C ALA D 85 -11.59 -8.76 1.53
N GLY D 86 -11.02 -8.08 2.53
CA GLY D 86 -11.31 -8.42 3.91
C GLY D 86 -12.47 -7.65 4.55
N ALA D 87 -13.10 -6.78 3.77
CA ALA D 87 -14.20 -5.95 4.26
C ALA D 87 -15.59 -6.39 3.79
N GLY D 88 -16.49 -6.66 4.74
CA GLY D 88 -17.87 -6.99 4.42
C GLY D 88 -18.71 -5.73 4.05
N HIS D 89 -18.36 -4.61 4.66
CA HIS D 89 -19.17 -3.41 4.48
C HIS D 89 -18.32 -2.17 4.26
N ALA D 90 -18.96 -1.16 3.68
CA ALA D 90 -18.27 0.08 3.36
C ALA D 90 -19.13 1.32 3.44
N LEU D 91 -18.44 2.45 3.46
CA LEU D 91 -19.04 3.77 3.44
C LEU D 91 -18.64 4.53 2.18
N LEU D 92 -19.62 5.17 1.53
CA LEU D 92 -19.34 6.05 0.39
C LEU D 92 -19.77 7.45 0.75
N VAL D 93 -18.86 8.40 0.68
CA VAL D 93 -19.21 9.78 0.99
C VAL D 93 -19.24 10.65 -0.25
N PHE D 94 -20.40 11.22 -0.51
CA PHE D 94 -20.62 12.15 -1.60
C PHE D 94 -20.71 13.55 -1.04
N GLN D 95 -20.06 14.51 -1.68
CA GLN D 95 -20.20 15.92 -1.28
C GLN D 95 -20.61 16.79 -2.42
N GLY D 96 -21.53 17.72 -2.12
CA GLY D 96 -21.95 18.72 -3.07
C GLY D 96 -21.36 20.06 -2.68
N PRO D 97 -22.01 21.17 -3.09
CA PRO D 97 -21.51 22.51 -2.79
C PRO D 97 -21.45 22.77 -1.31
N GLY D 98 -20.51 23.61 -0.90
CA GLY D 98 -20.39 23.99 0.49
C GLY D 98 -19.54 25.23 0.59
N SER D 99 -19.70 25.98 1.67
CA SER D 99 -18.97 27.20 1.83
C SER D 99 -19.03 27.70 3.27
N TYR D 100 -18.02 28.46 3.66
CA TYR D 100 -18.01 29.16 4.92
C TYR D 100 -19.09 30.25 4.95
N VAL D 101 -19.72 30.41 6.12
CA VAL D 101 -20.72 31.45 6.33
C VAL D 101 -20.20 32.37 7.42
N SER D 102 -19.79 33.56 6.99
CA SER D 102 -19.30 34.60 7.88
C SER D 102 -20.46 35.34 8.49
N PRO D 103 -20.40 35.61 9.80
CA PRO D 103 -21.53 36.27 10.46
C PRO D 103 -21.82 37.67 9.90
N THR D 104 -20.83 38.28 9.24
CA THR D 104 -21.02 39.59 8.64
C THR D 104 -22.23 39.54 7.72
N VAL D 105 -22.37 38.41 7.04
CA VAL D 105 -23.53 38.23 6.17
C VAL D 105 -24.86 38.31 6.94
N TYR D 106 -24.91 37.80 8.17
CA TYR D 106 -26.14 37.81 8.98
C TYR D 106 -26.59 39.23 9.31
N GLU D 107 -25.61 40.11 9.53
CA GLU D 107 -25.83 41.50 9.91
C GLU D 107 -26.51 41.57 11.25
N THR D 108 -26.25 40.58 12.09
CA THR D 108 -26.83 40.47 13.42
C THR D 108 -25.75 40.15 14.46
N ALA D 109 -26.08 40.39 15.72
CA ALA D 109 -25.19 40.10 16.83
C ALA D 109 -26.04 39.83 18.07
N PRO D 110 -25.62 38.85 18.90
CA PRO D 110 -24.40 38.08 18.69
C PRO D 110 -24.58 36.98 17.67
N ALA D 111 -23.48 36.40 17.21
CA ALA D 111 -23.54 35.32 16.25
C ALA D 111 -22.33 34.46 16.35
N ALA D 112 -22.34 33.38 15.58
CA ALA D 112 -21.19 32.52 15.43
C ALA D 112 -21.10 32.16 13.97
N PRO D 113 -19.88 32.02 13.43
CA PRO D 113 -19.77 31.59 12.04
C PRO D 113 -20.21 30.17 11.87
N THR D 114 -20.41 29.73 10.64
CA THR D 114 -20.66 28.30 10.45
C THR D 114 -20.22 27.89 9.06
N TRP D 115 -20.50 26.66 8.69
CA TRP D 115 -20.19 26.18 7.38
C TRP D 115 -21.48 25.59 6.82
N ASP D 116 -21.89 26.04 5.66
CA ASP D 116 -23.06 25.47 5.02
C ASP D 116 -22.53 24.44 4.04
N PHE D 117 -23.06 23.22 4.06
CA PHE D 117 -22.55 22.21 3.14
C PHE D 117 -23.56 21.09 2.93
N THR D 118 -23.29 20.29 1.91
CA THR D 118 -24.18 19.20 1.54
C THR D 118 -23.40 17.89 1.32
N SER D 119 -23.86 16.82 1.96
CA SER D 119 -23.15 15.55 1.82
C SER D 119 -24.06 14.38 2.13
N VAL D 120 -23.78 13.29 1.46
CA VAL D 120 -24.52 12.07 1.63
C VAL D 120 -23.59 10.90 1.89
N HIS D 121 -23.83 10.21 2.99
CA HIS D 121 -23.07 9.02 3.35
C HIS D 121 -23.92 7.79 3.11
N VAL D 122 -23.47 6.96 2.18
CA VAL D 122 -24.12 5.69 1.88
C VAL D 122 -23.39 4.53 2.59
N HIS D 123 -24.14 3.79 3.38
CA HIS D 123 -23.68 2.58 4.06
C HIS D 123 -24.16 1.37 3.30
N GLY D 124 -23.25 0.44 3.02
CA GLY D 124 -23.71 -0.79 2.38
C GLY D 124 -22.79 -2.01 2.45
N ALA D 125 -23.35 -3.13 2.04
CA ALA D 125 -22.62 -4.37 1.94
C ALA D 125 -21.77 -4.33 0.67
N LEU D 126 -20.53 -4.75 0.79
CA LEU D 126 -19.54 -4.65 -0.28
C LEU D 126 -19.39 -5.94 -1.08
N ARG D 127 -19.30 -5.80 -2.38
CA ARG D 127 -19.07 -6.95 -3.26
C ARG D 127 -17.95 -6.60 -4.20
N LEU D 128 -17.07 -7.57 -4.47
CA LEU D 128 -15.95 -7.30 -5.37
C LEU D 128 -16.21 -7.84 -6.77
N ILE D 129 -15.81 -7.07 -7.78
CA ILE D 129 -15.98 -7.46 -9.16
C ILE D 129 -14.64 -7.50 -9.90
N ASP D 130 -14.29 -8.67 -10.43
CA ASP D 130 -13.07 -8.81 -11.25
C ASP D 130 -13.33 -9.45 -12.62
N ASP D 131 -14.56 -9.85 -12.89
CA ASP D 131 -14.90 -10.39 -14.22
C ASP D 131 -14.81 -9.29 -15.28
N PRO D 132 -14.01 -9.50 -16.35
CA PRO D 132 -13.82 -8.47 -17.38
C PRO D 132 -15.12 -8.04 -18.08
N ASP D 133 -16.06 -8.96 -18.28
CA ASP D 133 -17.34 -8.60 -18.90
C ASP D 133 -18.09 -7.60 -18.02
N ASP D 134 -18.13 -7.88 -16.72
CA ASP D 134 -18.80 -7.01 -15.76
C ASP D 134 -18.11 -5.66 -15.66
N LEU D 135 -16.79 -5.67 -15.71
CA LEU D 135 -16.03 -4.42 -15.68
C LEU D 135 -16.23 -3.55 -16.93
N ARG D 136 -16.30 -4.20 -18.09
CA ARG D 136 -16.57 -3.48 -19.33
C ARG D 136 -17.92 -2.79 -19.22
N LYS D 137 -18.91 -3.55 -18.75
CA LYS D 137 -20.25 -3.01 -18.58
C LYS D 137 -20.20 -1.80 -17.65
N ILE D 138 -19.46 -1.93 -16.56
CA ILE D 138 -19.39 -0.83 -15.59
C ILE D 138 -18.76 0.43 -16.17
N VAL D 139 -17.58 0.31 -16.79
CA VAL D 139 -16.87 1.49 -17.27
C VAL D 139 -17.67 2.20 -18.40
N GLN D 140 -18.25 1.40 -19.28
CA GLN D 140 -19.08 1.96 -20.35
C GLN D 140 -20.30 2.69 -19.79
N ALA D 141 -20.96 2.06 -18.81
CA ALA D 141 -22.12 2.64 -18.16
C ALA D 141 -21.75 3.94 -17.45
N THR D 142 -20.55 3.97 -16.89
CA THR D 142 -20.05 5.18 -16.23
C THR D 142 -19.89 6.32 -17.23
N VAL D 143 -19.28 6.02 -18.38
CA VAL D 143 -19.15 7.03 -19.41
C VAL D 143 -20.52 7.55 -19.85
N ARG D 144 -21.45 6.64 -20.14
CA ARG D 144 -22.78 7.11 -20.57
C ARG D 144 -23.43 7.97 -19.52
N ALA D 145 -23.39 7.51 -18.27
CA ALA D 145 -24.05 8.20 -17.18
C ALA D 145 -23.49 9.60 -16.98
N TYR D 146 -22.16 9.69 -16.94
CA TYR D 146 -21.49 10.97 -16.68
C TYR D 146 -21.64 11.92 -17.87
N GLU D 147 -21.52 11.37 -19.07
CA GLU D 147 -21.67 12.16 -20.30
C GLU D 147 -23.05 12.79 -20.35
N ARG D 148 -24.07 12.03 -19.98
CA ARG D 148 -25.41 12.61 -19.95
C ARG D 148 -25.54 13.62 -18.82
N GLU D 149 -25.11 13.22 -17.63
CA GLU D 149 -25.30 14.03 -16.44
C GLU D 149 -24.38 15.23 -16.36
N VAL D 150 -23.07 14.97 -16.26
CA VAL D 150 -22.12 16.03 -15.96
C VAL D 150 -21.34 16.44 -17.21
N GLY D 151 -21.65 15.78 -18.32
CA GLY D 151 -20.83 15.88 -19.53
C GLY D 151 -21.33 16.67 -20.72
N THR D 152 -20.80 16.28 -21.88
CA THR D 152 -21.08 16.95 -23.14
C THR D 152 -21.64 16.01 -24.22
N ASP D 153 -22.22 14.88 -23.80
CA ASP D 153 -22.74 13.88 -24.75
C ASP D 153 -21.68 13.34 -25.73
N TRP D 154 -20.48 13.07 -25.23
CA TRP D 154 -19.40 12.50 -26.03
C TRP D 154 -19.70 11.06 -26.45
N ASP D 155 -19.30 10.72 -27.67
CA ASP D 155 -19.59 9.40 -28.24
C ASP D 155 -18.36 8.51 -28.06
N MET D 156 -18.52 7.40 -27.36
CA MET D 156 -17.39 6.57 -27.00
C MET D 156 -17.07 5.45 -27.99
N SER D 157 -17.85 5.38 -29.07
CA SER D 157 -17.76 4.25 -30.01
C SER D 157 -16.34 4.04 -30.54
N GLU D 158 -15.73 5.13 -31.00
CA GLU D 158 -14.42 5.05 -31.61
C GLU D 158 -13.35 4.75 -30.58
N SER D 159 -13.73 4.77 -29.31
CA SER D 159 -12.77 4.51 -28.24
C SER D 159 -12.96 3.14 -27.58
N LEU D 160 -13.95 2.36 -28.02
CA LEU D 160 -14.21 1.10 -27.32
C LEU D 160 -13.00 0.17 -27.35
N GLU D 161 -12.33 0.11 -28.50
CA GLU D 161 -11.14 -0.71 -28.67
C GLU D 161 -10.11 -0.29 -27.61
N TYR D 162 -9.96 1.02 -27.45
CA TYR D 162 -9.01 1.56 -26.49
C TYR D 162 -9.36 1.12 -25.07
N PHE D 163 -10.65 1.08 -24.77
CA PHE D 163 -11.11 0.66 -23.45
C PHE D 163 -10.60 -0.74 -23.19
N GLU D 164 -10.63 -1.59 -24.22
CA GLU D 164 -10.23 -2.97 -24.04
C GLU D 164 -8.76 -3.00 -23.62
N ARG D 165 -7.94 -2.14 -24.24
CA ARG D 165 -6.53 -2.10 -23.88
C ARG D 165 -6.37 -1.74 -22.41
N LEU D 166 -7.23 -0.86 -21.92
CA LEU D 166 -7.21 -0.43 -20.53
C LEU D 166 -7.81 -1.43 -19.55
N LEU D 167 -8.72 -2.27 -20.04
CA LEU D 167 -9.57 -3.07 -19.16
C LEU D 167 -8.83 -3.98 -18.14
N PRO D 168 -7.71 -4.61 -18.54
CA PRO D 168 -7.05 -5.47 -17.53
C PRO D 168 -6.53 -4.72 -16.32
N GLY D 169 -6.39 -3.40 -16.44
CA GLY D 169 -5.84 -2.59 -15.36
C GLY D 169 -6.90 -2.07 -14.40
N VAL D 170 -8.15 -2.43 -14.64
CA VAL D 170 -9.21 -1.88 -13.78
C VAL D 170 -9.92 -2.97 -12.96
N ARG D 171 -10.33 -2.60 -11.74
CA ARG D 171 -11.10 -3.51 -10.89
C ARG D 171 -12.35 -2.77 -10.40
N GLY D 172 -13.37 -3.50 -9.98
CA GLY D 172 -14.63 -2.88 -9.63
C GLY D 172 -15.28 -3.40 -8.38
N PHE D 173 -16.34 -2.72 -7.97
CA PHE D 173 -17.05 -3.13 -6.77
C PHE D 173 -18.53 -2.74 -6.79
N GLU D 174 -19.30 -3.44 -5.97
CA GLU D 174 -20.72 -3.15 -5.83
C GLU D 174 -21.05 -2.94 -4.37
N ILE D 175 -21.85 -1.92 -4.09
CA ILE D 175 -22.31 -1.68 -2.74
C ILE D 175 -23.83 -1.74 -2.71
N LYS D 176 -24.36 -2.70 -1.96
CA LYS D 176 -25.82 -2.79 -1.80
C LYS D 176 -26.23 -1.93 -0.61
N ILE D 177 -26.91 -0.84 -0.89
CA ILE D 177 -27.18 0.18 0.11
C ILE D 177 -28.02 -0.32 1.27
N GLU D 178 -27.52 -0.15 2.48
CA GLU D 178 -28.25 -0.57 3.67
C GLU D 178 -28.74 0.64 4.45
N SER D 179 -28.03 1.77 4.36
CA SER D 179 -28.51 2.97 5.04
C SER D 179 -27.95 4.21 4.37
N VAL D 180 -28.67 5.32 4.47
CA VAL D 180 -28.20 6.59 3.90
C VAL D 180 -28.43 7.75 4.86
N ASP D 181 -27.36 8.49 5.15
CA ASP D 181 -27.45 9.71 5.93
C ASP D 181 -27.31 10.90 4.98
N SER D 182 -28.23 11.87 5.07
CA SER D 182 -28.20 13.08 4.21
C SER D 182 -28.12 14.38 5.00
N MET D 183 -27.02 15.10 4.82
CA MET D 183 -26.80 16.37 5.49
C MET D 183 -26.97 17.52 4.52
N PHE D 184 -28.02 18.31 4.71
CA PHE D 184 -28.20 19.50 3.88
C PHE D 184 -28.22 20.71 4.78
N LYS D 185 -27.03 21.09 5.21
CA LYS D 185 -26.84 22.19 6.14
C LYS D 185 -26.83 23.48 5.33
N LEU D 186 -28.00 24.10 5.27
CA LEU D 186 -28.26 25.22 4.39
C LEU D 186 -28.86 26.42 5.11
N SER D 187 -28.34 26.72 6.30
CA SER D 187 -28.77 27.88 7.08
C SER D 187 -30.24 27.87 7.52
N GLN D 188 -30.88 26.70 7.55
CA GLN D 188 -32.28 26.62 7.96
C GLN D 188 -32.47 27.02 9.44
N GLU D 189 -31.40 27.02 10.23
CA GLU D 189 -31.51 27.42 11.63
C GLU D 189 -31.61 28.92 11.77
N GLN D 190 -31.46 29.62 10.66
CA GLN D 190 -31.57 31.08 10.66
C GLN D 190 -32.99 31.53 10.35
N LEU D 191 -33.35 32.73 10.79
CA LEU D 191 -34.64 33.31 10.41
C LEU D 191 -34.66 33.57 8.91
N PRO D 192 -35.86 33.53 8.30
CA PRO D 192 -36.03 33.63 6.84
C PRO D 192 -35.34 34.84 6.19
N GLU D 193 -35.43 35.98 6.85
CA GLU D 193 -34.82 37.22 6.38
C GLU D 193 -33.29 37.09 6.33
N THR D 194 -32.72 36.47 7.35
CA THR D 194 -31.29 36.24 7.41
C THR D 194 -30.86 35.24 6.35
N VAL D 195 -31.68 34.20 6.15
CA VAL D 195 -31.36 33.21 5.13
C VAL D 195 -31.30 33.91 3.78
N THR D 196 -32.22 34.84 3.58
CA THR D 196 -32.26 35.64 2.36
C THR D 196 -30.93 36.37 2.21
N LYS D 197 -30.43 36.94 3.30
CA LYS D 197 -29.10 37.56 3.25
C LYS D 197 -27.99 36.56 2.87
N VAL D 198 -28.04 35.34 3.40
CA VAL D 198 -27.02 34.35 3.09
C VAL D 198 -27.02 33.96 1.60
N ILE D 199 -28.22 33.73 1.08
CA ILE D 199 -28.42 33.44 -0.34
C ILE D 199 -27.86 34.55 -1.22
N ASP D 200 -28.27 35.78 -0.93
CA ASP D 200 -27.82 36.91 -1.75
C ASP D 200 -26.30 37.07 -1.67
N SER D 201 -25.74 36.90 -0.48
CA SER D 201 -24.31 37.03 -0.31
C SER D 201 -23.55 35.99 -1.11
N PHE D 202 -24.10 34.80 -1.20
CA PHE D 202 -23.45 33.76 -2.00
C PHE D 202 -23.60 34.05 -3.49
N ARG D 203 -24.74 34.61 -3.86
CA ARG D 203 -24.97 34.97 -5.26
C ARG D 203 -24.10 36.13 -5.72
N ARG D 204 -23.69 36.99 -4.79
CA ARG D 204 -22.85 38.14 -5.13
C ARG D 204 -21.39 37.73 -5.32
N SER D 205 -21.07 36.48 -4.99
CA SER D 205 -19.70 35.99 -5.17
C SER D 205 -19.58 35.01 -6.34
N ASP D 206 -18.49 35.11 -7.09
CA ASP D 206 -18.25 34.22 -8.22
C ASP D 206 -17.58 32.90 -7.82
N GLY D 207 -17.00 32.87 -6.63
CA GLY D 207 -16.23 31.71 -6.19
C GLY D 207 -17.13 30.50 -6.07
N GLY D 208 -16.79 29.45 -6.82
CA GLY D 208 -17.51 28.20 -6.77
C GLY D 208 -17.26 27.58 -5.42
N ARG D 209 -18.23 26.85 -4.88
CA ARG D 209 -19.48 26.56 -5.57
C ARG D 209 -20.67 27.35 -5.00
N ARG D 210 -20.42 28.62 -4.67
CA ARG D 210 -21.41 29.40 -3.94
C ARG D 210 -22.68 29.75 -4.69
N GLN D 211 -22.67 29.65 -6.02
CA GLN D 211 -23.83 29.96 -6.84
C GLN D 211 -24.85 28.83 -6.67
N GLU D 212 -24.34 27.61 -6.89
CA GLU D 212 -25.09 26.37 -6.69
C GLU D 212 -25.55 26.19 -5.25
N LEU D 213 -24.70 26.58 -4.31
CA LEU D 213 -25.01 26.50 -2.89
C LEU D 213 -26.17 27.43 -2.58
N ALA D 214 -26.10 28.66 -3.10
CA ALA D 214 -27.13 29.66 -2.90
C ALA D 214 -28.47 29.12 -3.42
N THR D 215 -28.42 28.51 -4.61
CA THR D 215 -29.62 27.90 -5.17
C THR D 215 -30.17 26.76 -4.29
N MET D 216 -29.29 25.94 -3.72
CA MET D 216 -29.78 24.89 -2.81
C MET D 216 -30.40 25.46 -1.52
N ILE D 217 -29.79 26.50 -0.97
CA ILE D 217 -30.33 27.17 0.21
C ILE D 217 -31.73 27.73 -0.05
N GLU D 218 -31.87 28.37 -1.20
CA GLU D 218 -33.14 28.93 -1.61
C GLU D 218 -34.16 27.82 -1.76
N ARG D 219 -33.74 26.70 -2.37
CA ARG D 219 -34.64 25.57 -2.59
C ARG D 219 -35.14 25.01 -1.28
N ALA D 220 -34.25 24.91 -0.28
CA ALA D 220 -34.63 24.40 1.01
C ALA D 220 -35.59 25.34 1.70
N ALA D 221 -35.45 26.65 1.44
CA ALA D 221 -36.33 27.63 2.09
C ALA D 221 -37.71 27.81 1.41
N SER D 222 -37.86 27.37 0.17
CA SER D 222 -39.10 27.62 -0.59
C SER D 222 -40.24 26.68 -0.19
N ASP D 223 -41.34 26.72 -0.94
CA ASP D 223 -42.48 25.82 -0.68
C ASP D 223 -42.54 24.67 -1.68
#